data_9LZU
#
_entry.id   9LZU
#
_cell.length_a   1.00
_cell.length_b   1.00
_cell.length_c   1.00
_cell.angle_alpha   90.00
_cell.angle_beta   90.00
_cell.angle_gamma   90.00
#
_symmetry.space_group_name_H-M   'P 1'
#
loop_
_entity.id
_entity.type
_entity.pdbx_description
1 polymer RfxCas13d
2 polymer 'RNA (51-MER)'
3 polymer "RNA (5'-R(P*CP*UP*GP*UP*GP*GP*GP*AP*CP*GP*AP*GP*UP*C)-3')"
4 non-polymer 'MAGNESIUM ION'
#
loop_
_entity_poly.entity_id
_entity_poly.type
_entity_poly.pdbx_seq_one_letter_code
_entity_poly.pdbx_strand_id
1 'polypeptide(L)'
;IEKKKSFAKGMGVKSTLVSGSKVYMTTFAEGSDARLEKIVEGDSIRSVNEGEAFSAEMADKNAGYKIGNAKFSHPKGYAV
VANNPLYTGPVQQDMLGLKETLEKRYFGESADGNDNICIQVIHNILDIEKILAEYITNAAYAVNNISGLDKDIIGFGKFS
TVYTYDEFKDPEHHRAAFNNNDKLINAIKAQYDEFDNFLDNPRLGYFGQAFFSKEGRNYIINYGNECYDILALLSGLAHW
VVANNEEESRISRTWLYNLDKNLDNEYISTLNYLYDRITNELTNSFSKNSAANVNYIAETLGINPAEFAEQYFRFSIMKE
QKNLGFNITKLREVMLDRKDMSEIRKNHKVFDSIRTKVYTMMDFVIYRYYIEEDAKVAAANKSLPDNEKSLSEKDIFVIN
LRGSFNDDQKDALYYDEANRIWRKLENIMHNIKEFRGNKTREYKKKDAPRLPRILPAGRDVSAFSKLMYALTMFLDGKEI
NDLLTTLINKFDNIQSFLKVMPLIGVNAKFVEEYAFFKDSAKIADELRLIKSFARMGEPIADARRAMYIDAIRILGTNLS
YDELKALADTFSLDENGNKLKKGKHGMRNFIINNVISNKRFHYLIRYGDPAHLHEIAKNEAVVKFVLGRIADIQKKQGQN
GKNQIDRYYETCIGKDKGKSVSEKVDALTKIITGMNYDQFDKKRSVIEDTGRENAEREKFKKIISLYLTVIYHILKNIVN
INARYVIGFHCVERDAQLYKEKGYDINLKKLEEKGFSSVTKLCAGIDETAPDKRKDVEKEMAERAKESIDSLESANPKLY
ANYIKYSDEKKAEEFTRQINREKAKTALNAYLRNTKWNVIIREDLLRIDNKTCTLFANKAVALEVARYVHAYINDIAEVN
SYFQLYHYIMQRIIMNERYEKSSGKVSEYFDAVNDEKKYNDRLLKLLCVPFGYCIPRFKNLSIEALFDRNEAAKFDKEKK
KVSGNS
;
A
2 'polyribonucleotide' AACCCCUACCAACUGGUCGGGGUUUGAAACCAAAGACGACUCGUCCCACAG C
3 'polyribonucleotide' CUGUGGGACGAGUC B
#
loop_
_chem_comp.id
_chem_comp.type
_chem_comp.name
_chem_comp.formula
A RNA linking ADENOSINE-5'-MONOPHOSPHATE 'C10 H14 N5 O7 P'
C RNA linking CYTIDINE-5'-MONOPHOSPHATE 'C9 H14 N3 O8 P'
G RNA linking GUANOSINE-5'-MONOPHOSPHATE 'C10 H14 N5 O8 P'
MG non-polymer 'MAGNESIUM ION' 'Mg 2'
U RNA linking URIDINE-5'-MONOPHOSPHATE 'C9 H13 N2 O9 P'
#
# COMPACT_ATOMS: atom_id res chain seq x y z
N LYS A 76 36.79 -14.81 -3.33
CA LYS A 76 36.15 -14.31 -2.12
C LYS A 76 37.18 -13.74 -1.15
N GLY A 77 38.35 -13.41 -1.67
CA GLY A 77 39.42 -12.88 -0.85
C GLY A 77 39.37 -11.37 -0.72
N TYR A 78 38.82 -10.88 0.39
CA TYR A 78 38.73 -9.48 0.78
C TYR A 78 37.79 -8.67 -0.12
N ALA A 79 37.24 -9.27 -1.17
CA ALA A 79 36.32 -8.59 -2.08
C ALA A 79 35.71 -9.61 -3.02
N VAL A 80 34.42 -9.45 -3.30
CA VAL A 80 33.72 -10.33 -4.23
C VAL A 80 33.12 -9.49 -5.35
N VAL A 81 32.18 -8.61 -5.00
CA VAL A 81 31.51 -7.75 -5.97
C VAL A 81 31.58 -6.31 -5.47
N ALA A 82 32.59 -6.00 -4.65
CA ALA A 82 32.72 -4.67 -4.07
C ALA A 82 33.12 -3.61 -5.08
N ASN A 83 33.49 -4.00 -6.30
CA ASN A 83 33.90 -3.04 -7.32
C ASN A 83 32.71 -2.41 -8.05
N ASN A 84 31.49 -2.83 -7.76
CA ASN A 84 30.33 -2.28 -8.43
C ASN A 84 30.16 -0.81 -8.07
N PRO A 85 29.82 0.05 -9.04
CA PRO A 85 29.63 1.47 -8.73
C PRO A 85 28.47 1.75 -7.80
N LEU A 86 27.47 0.85 -7.73
CA LEU A 86 26.33 1.08 -6.86
C LEU A 86 26.72 0.95 -5.40
N TYR A 87 27.57 -0.01 -5.07
CA TYR A 87 27.94 -0.24 -3.67
C TYR A 87 29.05 0.71 -3.22
N THR A 88 30.00 1.01 -4.10
CA THR A 88 31.12 1.87 -3.78
C THR A 88 31.13 3.07 -4.72
N GLY A 89 31.25 4.27 -4.16
CA GLY A 89 31.30 5.48 -4.94
C GLY A 89 31.39 6.71 -4.06
N PRO A 90 31.62 7.87 -4.70
CA PRO A 90 31.68 9.12 -3.92
C PRO A 90 30.35 9.46 -3.30
N VAL A 91 30.41 10.18 -2.17
CA VAL A 91 29.20 10.60 -1.49
C VAL A 91 28.44 11.58 -2.38
N GLN A 92 27.17 11.26 -2.64
CA GLN A 92 26.37 12.04 -3.58
C GLN A 92 25.71 13.26 -2.96
N GLN A 93 25.73 13.40 -1.64
CA GLN A 93 25.17 14.56 -0.95
C GLN A 93 23.69 14.73 -1.30
N ASP A 94 22.90 13.78 -0.81
CA ASP A 94 21.48 13.67 -1.14
C ASP A 94 20.77 15.02 -1.03
N MET A 95 19.73 15.18 -1.85
CA MET A 95 19.10 16.49 -2.02
C MET A 95 18.49 16.99 -0.71
N LEU A 96 17.84 16.11 0.05
CA LEU A 96 17.21 16.52 1.29
C LEU A 96 18.21 17.05 2.31
N GLY A 97 19.46 16.58 2.27
CA GLY A 97 20.44 17.01 3.23
C GLY A 97 20.29 16.41 4.61
N LEU A 98 19.42 15.42 4.77
CA LEU A 98 19.15 14.79 6.06
C LEU A 98 19.88 13.47 6.21
N LYS A 99 20.89 13.21 5.37
CA LYS A 99 21.61 11.94 5.43
C LYS A 99 22.30 11.76 6.78
N GLU A 100 22.96 12.80 7.28
CA GLU A 100 23.65 12.71 8.57
C GLU A 100 22.66 12.48 9.71
N THR A 101 21.54 13.21 9.70
CA THR A 101 20.53 13.04 10.74
C THR A 101 19.92 11.64 10.71
N LEU A 102 19.61 11.14 9.51
CA LEU A 102 19.06 9.80 9.38
C LEU A 102 20.05 8.74 9.86
N GLU A 103 21.33 8.89 9.49
CA GLU A 103 22.34 7.94 9.94
C GLU A 103 22.53 7.99 11.45
N LYS A 104 22.48 9.18 12.05
CA LYS A 104 22.58 9.28 13.49
C LYS A 104 21.38 8.64 14.18
N ARG A 105 20.18 8.82 13.64
CA ARG A 105 18.99 8.27 14.28
C ARG A 105 18.91 6.75 14.13
N TYR A 106 19.31 6.22 12.98
CA TYR A 106 19.19 4.80 12.71
C TYR A 106 20.46 4.01 13.03
N PHE A 107 21.63 4.57 12.78
CA PHE A 107 22.90 3.90 13.06
C PHE A 107 23.69 4.58 14.16
N GLY A 108 23.99 5.86 14.02
CA GLY A 108 24.71 6.60 15.03
C GLY A 108 26.20 6.38 15.06
N GLU A 109 26.73 5.50 14.22
CA GLU A 109 28.17 5.23 14.21
C GLU A 109 28.71 5.06 12.79
N SER A 110 28.01 5.58 11.78
CA SER A 110 28.43 5.46 10.40
C SER A 110 29.11 6.74 9.94
N ALA A 111 30.04 6.60 9.00
CA ALA A 111 30.74 7.73 8.41
C ALA A 111 29.97 8.26 7.22
N ASP A 112 29.61 9.54 7.27
CA ASP A 112 28.77 10.12 6.21
C ASP A 112 29.51 10.16 4.87
N GLY A 113 30.79 10.51 4.88
CA GLY A 113 31.53 10.70 3.66
C GLY A 113 32.33 9.50 3.19
N ASN A 114 32.00 8.32 3.70
CA ASN A 114 32.74 7.11 3.35
C ASN A 114 31.92 6.12 2.53
N ASP A 115 30.60 6.06 2.72
CA ASP A 115 29.77 5.10 2.00
C ASP A 115 28.43 5.73 1.66
N ASN A 116 27.64 5.00 0.87
CA ASN A 116 26.32 5.46 0.49
C ASN A 116 25.27 4.35 0.56
N ILE A 117 25.51 3.31 1.36
CA ILE A 117 24.58 2.19 1.46
C ILE A 117 23.61 2.39 2.62
N CYS A 118 24.09 2.96 3.73
CA CYS A 118 23.22 3.18 4.89
C CYS A 118 22.07 4.12 4.55
N ILE A 119 22.35 5.16 3.76
CA ILE A 119 21.28 6.08 3.36
C ILE A 119 20.25 5.36 2.48
N GLN A 120 20.68 4.42 1.64
CA GLN A 120 19.73 3.67 0.84
C GLN A 120 18.89 2.73 1.71
N VAL A 121 19.50 2.13 2.73
CA VAL A 121 18.73 1.31 3.66
C VAL A 121 17.69 2.16 4.38
N ILE A 122 18.09 3.36 4.82
CA ILE A 122 17.16 4.25 5.50
C ILE A 122 16.04 4.68 4.55
N HIS A 123 16.37 4.89 3.27
CA HIS A 123 15.32 5.23 2.30
C HIS A 123 14.35 4.08 2.09
N ASN A 124 14.84 2.84 2.09
CA ASN A 124 13.95 1.69 2.01
C ASN A 124 13.04 1.62 3.24
N ILE A 125 13.60 1.90 4.42
CA ILE A 125 12.79 1.94 5.64
C ILE A 125 11.72 3.03 5.53
N LEU A 126 12.09 4.19 4.98
CA LEU A 126 11.13 5.27 4.78
C LEU A 126 10.03 4.84 3.81
N ASP A 127 10.38 4.11 2.76
CA ASP A 127 9.39 3.63 1.80
C ASP A 127 8.42 2.66 2.45
N ILE A 128 8.92 1.73 3.27
CA ILE A 128 8.00 0.81 3.94
C ILE A 128 7.13 1.57 4.93
N GLU A 129 7.67 2.60 5.59
CA GLU A 129 6.85 3.43 6.47
C GLU A 129 5.74 4.12 5.70
N LYS A 130 6.06 4.64 4.51
CA LYS A 130 5.05 5.32 3.69
C LYS A 130 3.94 4.36 3.28
N ILE A 131 4.33 3.18 2.80
CA ILE A 131 3.32 2.23 2.32
C ILE A 131 2.47 1.73 3.49
N LEU A 132 3.09 1.51 4.65
CA LEU A 132 2.34 1.10 5.84
C LEU A 132 1.38 2.20 6.27
N ALA A 133 1.83 3.46 6.24
CA ALA A 133 0.95 4.57 6.62
C ALA A 133 -0.26 4.63 5.70
N GLU A 134 -0.03 4.48 4.39
CA GLU A 134 -1.13 4.50 3.44
C GLU A 134 -2.14 3.40 3.73
N TYR A 135 -1.66 2.15 3.85
CA TYR A 135 -2.58 1.04 4.01
C TYR A 135 -3.25 1.04 5.38
N ILE A 136 -2.56 1.50 6.42
CA ILE A 136 -3.16 1.59 7.74
C ILE A 136 -4.22 2.68 7.78
N THR A 137 -3.98 3.80 7.10
CA THR A 137 -5.02 4.83 6.99
C THR A 137 -6.24 4.29 6.25
N ASN A 138 -6.02 3.55 5.17
CA ASN A 138 -7.14 2.97 4.44
C ASN A 138 -7.93 1.99 5.32
N ALA A 139 -7.22 1.13 6.07
CA ALA A 139 -7.89 0.17 6.94
C ALA A 139 -8.67 0.87 8.05
N ALA A 140 -8.08 1.92 8.64
CA ALA A 140 -8.77 2.67 9.68
C ALA A 140 -10.02 3.33 9.15
N TYR A 141 -9.95 3.92 7.96
CA TYR A 141 -11.14 4.51 7.35
C TYR A 141 -12.20 3.45 7.07
N ALA A 142 -11.78 2.26 6.61
CA ALA A 142 -12.73 1.19 6.37
C ALA A 142 -13.43 0.76 7.65
N VAL A 143 -12.67 0.62 8.74
CA VAL A 143 -13.25 0.23 10.01
C VAL A 143 -14.22 1.30 10.52
N ASN A 144 -13.84 2.57 10.39
CA ASN A 144 -14.71 3.65 10.83
C ASN A 144 -15.99 3.69 10.00
N ASN A 145 -15.89 3.47 8.69
CA ASN A 145 -17.08 3.44 7.85
C ASN A 145 -17.99 2.27 8.22
N ILE A 146 -17.40 1.10 8.49
CA ILE A 146 -18.20 -0.05 8.87
C ILE A 146 -18.91 0.20 10.20
N SER A 147 -18.21 0.80 11.16
CA SER A 147 -18.83 1.08 12.46
C SER A 147 -20.00 2.04 12.30
N GLY A 148 -19.79 3.16 11.62
CA GLY A 148 -20.87 4.12 11.37
C GLY A 148 -21.49 4.69 12.62
N LEU A 149 -20.67 5.03 13.62
CA LEU A 149 -21.16 5.58 14.88
C LEU A 149 -20.96 7.09 14.98
N ASP A 150 -20.66 7.75 13.85
CA ASP A 150 -20.39 9.18 13.77
C ASP A 150 -19.17 9.61 14.58
N LYS A 151 -18.41 8.65 15.11
CA LYS A 151 -17.20 8.93 15.87
C LYS A 151 -16.12 7.95 15.44
N ASP A 152 -14.89 8.43 15.33
CA ASP A 152 -13.78 7.60 14.89
C ASP A 152 -13.46 6.56 15.95
N ILE A 153 -13.83 5.30 15.69
CA ILE A 153 -13.49 4.22 16.60
C ILE A 153 -11.97 4.04 16.67
N ILE A 154 -11.31 4.10 15.51
CA ILE A 154 -9.85 4.01 15.43
C ILE A 154 -9.33 5.40 15.09
N GLY A 155 -8.45 5.93 15.93
CA GLY A 155 -7.91 7.25 15.73
C GLY A 155 -6.79 7.58 16.70
N PHE A 156 -6.82 8.79 17.25
CA PHE A 156 -5.81 9.24 18.21
C PHE A 156 -6.46 9.32 19.59
N GLY A 157 -5.83 8.68 20.57
CA GLY A 157 -6.33 8.70 21.94
C GLY A 157 -7.41 7.69 22.25
N LYS A 158 -7.71 6.77 21.34
CA LYS A 158 -8.76 5.78 21.56
C LYS A 158 -8.20 4.39 21.31
N PHE A 159 -8.56 3.45 22.20
CA PHE A 159 -8.16 2.05 22.11
C PHE A 159 -6.64 1.91 22.08
N SER A 160 -6.02 2.38 23.15
CA SER A 160 -4.56 2.27 23.28
C SER A 160 -4.16 0.82 23.55
N THR A 161 -3.01 0.44 22.99
CA THR A 161 -2.51 -0.92 23.15
C THR A 161 -1.94 -1.17 24.55
N VAL A 162 -1.64 -0.12 25.31
CA VAL A 162 -1.05 -0.28 26.63
C VAL A 162 -2.03 -0.80 27.67
N TYR A 163 -3.32 -0.83 27.35
CA TYR A 163 -4.35 -1.28 28.28
C TYR A 163 -4.83 -2.67 27.87
N THR A 164 -4.88 -3.58 28.84
CA THR A 164 -5.36 -4.93 28.59
C THR A 164 -6.88 -4.96 28.55
N TYR A 165 -7.42 -6.11 28.13
CA TYR A 165 -8.87 -6.26 28.06
C TYR A 165 -9.50 -6.22 29.45
N ASP A 166 -8.83 -6.82 30.44
CA ASP A 166 -9.35 -6.78 31.80
C ASP A 166 -9.43 -5.36 32.33
N GLU A 167 -8.39 -4.56 32.09
CA GLU A 167 -8.42 -3.16 32.50
C GLU A 167 -9.42 -2.36 31.68
N PHE A 168 -9.56 -2.67 30.39
CA PHE A 168 -10.49 -1.95 29.53
C PHE A 168 -11.94 -2.18 29.97
N LYS A 169 -12.26 -3.43 30.33
CA LYS A 169 -13.64 -3.74 30.75
C LYS A 169 -13.93 -3.22 32.15
N ASP A 170 -12.95 -3.27 33.06
CA ASP A 170 -13.11 -2.85 34.45
C ASP A 170 -12.04 -1.81 34.76
N PRO A 171 -12.26 -0.55 34.40
CA PRO A 171 -11.26 0.48 34.68
C PRO A 171 -11.25 0.92 36.14
N GLU A 172 -12.40 0.83 36.80
CA GLU A 172 -12.49 1.28 38.18
C GLU A 172 -11.74 0.33 39.11
N HIS A 173 -11.90 -0.98 38.92
CA HIS A 173 -11.20 -1.94 39.77
C HIS A 173 -9.71 -1.96 39.49
N HIS A 174 -9.30 -1.60 38.28
CA HIS A 174 -7.89 -1.52 37.90
C HIS A 174 -7.43 -0.07 37.81
N ARG A 175 -7.90 0.77 38.73
CA ARG A 175 -7.57 2.20 38.70
C ARG A 175 -6.07 2.45 38.82
N ALA A 176 -5.34 1.52 39.44
CA ALA A 176 -3.90 1.70 39.60
C ALA A 176 -3.18 1.77 38.27
N ALA A 177 -3.69 1.06 37.25
CA ALA A 177 -3.07 1.08 35.94
C ALA A 177 -3.32 2.39 35.20
N PHE A 178 -4.42 3.07 35.50
CA PHE A 178 -4.77 4.33 34.85
C PHE A 178 -4.26 5.55 35.61
N ASN A 179 -3.20 5.39 36.41
CA ASN A 179 -2.56 6.44 37.20
C ASN A 179 -3.57 7.33 37.92
N ASN A 180 -4.71 6.76 38.33
CA ASN A 180 -5.72 7.44 39.12
C ASN A 180 -6.16 8.76 38.46
N ASN A 181 -6.73 8.62 37.27
CA ASN A 181 -7.26 9.75 36.52
C ASN A 181 -8.74 9.52 36.25
N ASP A 182 -9.59 10.44 36.74
CA ASP A 182 -11.03 10.27 36.57
C ASP A 182 -11.45 10.44 35.12
N LYS A 183 -10.90 11.45 34.44
CA LYS A 183 -11.26 11.67 33.03
C LYS A 183 -10.83 10.50 32.17
N LEU A 184 -9.64 9.93 32.45
CA LEU A 184 -9.19 8.76 31.70
C LEU A 184 -10.13 7.57 31.92
N ILE A 185 -10.59 7.37 33.16
CA ILE A 185 -11.50 6.27 33.44
C ILE A 185 -12.84 6.48 32.72
N ASN A 186 -13.34 7.71 32.72
CA ASN A 186 -14.58 7.99 31.99
C ASN A 186 -14.41 7.75 30.50
N ALA A 187 -13.28 8.17 29.93
CA ALA A 187 -13.01 7.91 28.52
C ALA A 187 -12.94 6.42 28.23
N ILE A 188 -12.30 5.66 29.13
CA ILE A 188 -12.22 4.21 28.94
C ILE A 188 -13.60 3.58 29.00
N LYS A 189 -14.45 4.05 29.90
CA LYS A 189 -15.82 3.53 29.97
C LYS A 189 -16.59 3.85 28.69
N ALA A 190 -16.44 5.07 28.17
CA ALA A 190 -17.09 5.42 26.91
C ALA A 190 -16.58 4.55 25.76
N GLN A 191 -15.27 4.31 25.72
CA GLN A 191 -14.70 3.44 24.69
C GLN A 191 -15.21 2.01 24.82
N TYR A 192 -15.39 1.53 26.06
CA TYR A 192 -15.94 0.19 26.25
C TYR A 192 -17.39 0.13 25.78
N ASP A 193 -18.17 1.16 26.04
CA ASP A 193 -19.54 1.20 25.52
C ASP A 193 -19.56 1.20 24.00
N GLU A 194 -18.67 1.99 23.38
CA GLU A 194 -18.58 2.00 21.93
C GLU A 194 -18.18 0.63 21.38
N PHE A 195 -17.23 -0.03 22.05
CA PHE A 195 -16.81 -1.36 21.62
C PHE A 195 -17.92 -2.38 21.75
N ASP A 196 -18.71 -2.29 22.83
CA ASP A 196 -19.86 -3.19 22.97
C ASP A 196 -20.89 -2.96 21.88
N ASN A 197 -21.15 -1.68 21.54
CA ASN A 197 -22.07 -1.40 20.45
C ASN A 197 -21.53 -1.90 19.11
N PHE A 198 -20.21 -1.76 18.89
CA PHE A 198 -19.60 -2.26 17.67
C PHE A 198 -19.70 -3.78 17.57
N LEU A 199 -19.53 -4.48 18.69
CA LEU A 199 -19.72 -5.92 18.71
C LEU A 199 -21.17 -6.28 18.41
N ASP A 200 -22.12 -5.53 18.98
CA ASP A 200 -23.53 -5.77 18.71
C ASP A 200 -23.96 -5.33 17.32
N ASN A 201 -23.10 -4.63 16.59
CA ASN A 201 -23.44 -4.15 15.26
C ASN A 201 -23.49 -5.31 14.28
N PRO A 202 -24.62 -5.53 13.57
CA PRO A 202 -24.68 -6.63 12.59
C PRO A 202 -23.72 -6.46 11.43
N ARG A 203 -23.20 -5.25 11.18
CA ARG A 203 -22.25 -5.01 10.11
C ARG A 203 -20.90 -5.64 10.37
N LEU A 204 -20.65 -6.16 11.57
CA LEU A 204 -19.36 -6.75 11.90
C LEU A 204 -19.04 -7.97 11.05
N GLY A 205 -20.05 -8.61 10.46
CA GLY A 205 -19.82 -9.79 9.63
C GLY A 205 -19.01 -9.54 8.39
N TYR A 206 -18.84 -8.28 7.99
CA TYR A 206 -18.01 -7.98 6.82
C TYR A 206 -16.55 -8.33 7.07
N PHE A 207 -16.11 -8.29 8.32
CA PHE A 207 -14.75 -8.72 8.68
C PHE A 207 -14.80 -10.16 9.20
N GLY A 208 -15.13 -11.07 8.28
CA GLY A 208 -15.28 -12.47 8.65
C GLY A 208 -13.98 -13.11 9.08
N GLN A 209 -12.86 -12.76 8.46
CA GLN A 209 -11.57 -13.36 8.80
C GLN A 209 -10.95 -12.76 10.05
N ALA A 210 -11.46 -11.63 10.53
CA ALA A 210 -10.88 -10.94 11.69
C ALA A 210 -11.64 -11.22 12.98
N PHE A 211 -12.94 -10.93 13.00
CA PHE A 211 -13.74 -11.03 14.21
C PHE A 211 -14.62 -12.28 14.23
N PHE A 212 -14.46 -13.18 13.27
CA PHE A 212 -15.27 -14.39 13.20
C PHE A 212 -14.38 -15.60 12.91
N SER A 213 -14.84 -16.77 13.35
CA SER A 213 -14.16 -18.03 13.11
C SER A 213 -15.17 -19.06 12.64
N LYS A 214 -14.69 -20.02 11.85
CA LYS A 214 -15.53 -21.07 11.28
C LYS A 214 -15.38 -22.34 12.12
N GLU A 215 -16.43 -22.67 12.87
CA GLU A 215 -16.47 -23.90 13.67
C GLU A 215 -17.63 -24.74 13.16
N GLY A 216 -17.33 -25.71 12.31
CA GLY A 216 -18.35 -26.60 11.75
C GLY A 216 -18.93 -26.02 10.45
N ARG A 217 -20.21 -25.67 10.48
CA ARG A 217 -20.91 -25.14 9.32
C ARG A 217 -21.11 -23.63 9.38
N ASN A 218 -21.48 -23.10 10.54
CA ASN A 218 -21.75 -21.68 10.69
C ASN A 218 -20.55 -20.97 11.33
N TYR A 219 -20.54 -19.65 11.17
CA TYR A 219 -19.50 -18.81 11.75
C TYR A 219 -19.99 -18.25 13.08
N ILE A 220 -19.13 -18.31 14.10
CA ILE A 220 -19.46 -17.82 15.43
C ILE A 220 -18.57 -16.62 15.76
N ILE A 221 -19.09 -15.75 16.62
CA ILE A 221 -18.34 -14.56 17.01
C ILE A 221 -17.20 -14.96 17.94
N ASN A 222 -16.01 -14.45 17.68
CA ASN A 222 -14.88 -14.70 18.56
C ASN A 222 -15.10 -14.05 19.93
N TYR A 223 -14.26 -14.43 20.88
CA TYR A 223 -14.36 -13.88 22.22
C TYR A 223 -14.07 -12.38 22.19
N GLY A 224 -14.68 -11.66 23.14
CA GLY A 224 -14.47 -10.22 23.21
C GLY A 224 -13.02 -9.84 23.44
N ASN A 225 -12.27 -10.70 24.14
CA ASN A 225 -10.86 -10.44 24.37
C ASN A 225 -10.09 -10.34 23.05
N GLU A 226 -10.29 -11.32 22.17
CA GLU A 226 -9.58 -11.31 20.89
C GLU A 226 -9.99 -10.14 20.01
N CYS A 227 -11.28 -9.83 19.97
CA CYS A 227 -11.76 -8.70 19.17
C CYS A 227 -11.18 -7.39 19.69
N TYR A 228 -11.17 -7.21 21.00
CA TYR A 228 -10.58 -6.00 21.58
C TYR A 228 -9.08 -5.95 21.31
N ASP A 229 -8.39 -7.09 21.38
CA ASP A 229 -6.97 -7.11 21.09
C ASP A 229 -6.70 -6.67 19.66
N ILE A 230 -7.48 -7.19 18.70
CA ILE A 230 -7.28 -6.82 17.30
C ILE A 230 -7.56 -5.34 17.10
N LEU A 231 -8.67 -4.85 17.66
CA LEU A 231 -9.04 -3.45 17.48
C LEU A 231 -8.01 -2.52 18.09
N ALA A 232 -7.56 -2.83 19.31
CA ALA A 232 -6.57 -2.00 19.99
C ALA A 232 -5.21 -2.06 19.29
N LEU A 233 -4.84 -3.23 18.75
CA LEU A 233 -3.60 -3.31 18.00
C LEU A 233 -3.64 -2.48 16.74
N LEU A 234 -4.78 -2.51 16.03
CA LEU A 234 -4.91 -1.66 14.85
C LEU A 234 -4.88 -0.18 15.22
N SER A 235 -5.54 0.18 16.32
CA SER A 235 -5.52 1.57 16.76
C SER A 235 -4.12 2.01 17.17
N GLY A 236 -3.38 1.15 17.85
CA GLY A 236 -2.00 1.48 18.21
C GLY A 236 -1.09 1.60 17.00
N LEU A 237 -1.30 0.74 15.99
CA LEU A 237 -0.55 0.87 14.74
C LEU A 237 -0.87 2.20 14.06
N ALA A 238 -2.15 2.59 14.06
CA ALA A 238 -2.52 3.90 13.50
C ALA A 238 -1.87 5.03 14.27
N HIS A 239 -1.80 4.91 15.61
CA HIS A 239 -1.10 5.91 16.42
C HIS A 239 0.37 5.98 16.01
N TRP A 240 1.02 4.82 15.88
CA TRP A 240 2.42 4.78 15.48
C TRP A 240 2.63 5.38 14.10
N VAL A 241 1.61 5.33 13.25
CA VAL A 241 1.72 5.91 11.90
C VAL A 241 1.97 7.42 11.99
N VAL A 242 1.22 8.11 12.84
CA VAL A 242 1.21 9.57 12.81
C VAL A 242 1.57 10.13 14.19
N ALA A 243 2.34 9.37 14.97
CA ALA A 243 2.71 9.85 16.30
C ALA A 243 3.76 10.95 16.22
N ASN A 244 4.96 10.60 15.75
CA ASN A 244 6.08 11.55 15.60
C ASN A 244 6.27 12.41 16.83
N ASN A 245 6.00 11.86 18.01
CA ASN A 245 6.11 12.58 19.27
C ASN A 245 7.22 11.99 20.12
N GLU A 246 7.37 12.52 21.33
CA GLU A 246 8.39 12.07 22.27
C GLU A 246 7.83 11.32 23.46
N GLU A 247 6.60 11.60 23.88
CA GLU A 247 5.99 10.92 25.02
C GLU A 247 4.47 10.94 24.84
N GLU A 248 3.92 9.83 24.37
CA GLU A 248 2.47 9.68 24.20
C GLU A 248 2.05 8.32 24.74
N SER A 249 2.52 7.99 25.95
CA SER A 249 2.32 6.69 26.59
C SER A 249 2.86 5.54 25.75
N ARG A 250 3.77 5.85 24.83
CA ARG A 250 4.36 4.86 23.94
C ARG A 250 5.65 5.43 23.39
N ILE A 251 6.50 4.52 22.87
CA ILE A 251 7.77 4.91 22.27
C ILE A 251 7.51 5.07 20.77
N SER A 252 7.41 6.32 20.32
CA SER A 252 7.07 6.60 18.93
C SER A 252 8.21 6.19 18.00
N ARG A 253 7.84 5.87 16.76
CA ARG A 253 8.72 5.49 15.66
C ARG A 253 9.42 4.15 15.86
N THR A 254 9.23 3.50 17.01
CA THR A 254 9.84 2.20 17.25
C THR A 254 8.88 1.21 17.91
N TRP A 255 7.62 1.58 18.10
CA TRP A 255 6.65 0.65 18.68
C TRP A 255 6.46 -0.57 17.77
N LEU A 256 6.35 -0.34 16.46
CA LEU A 256 6.22 -1.44 15.52
C LEU A 256 7.48 -2.29 15.45
N TYR A 257 8.65 -1.68 15.66
CA TYR A 257 9.91 -2.40 15.59
C TYR A 257 10.28 -3.06 16.91
N ASN A 258 9.50 -2.85 17.97
CA ASN A 258 9.73 -3.45 19.28
C ASN A 258 8.43 -3.99 19.85
N LEU A 259 7.69 -4.74 19.02
CA LEU A 259 6.41 -5.27 19.46
C LEU A 259 6.57 -6.26 20.61
N ASP A 260 7.70 -6.96 20.67
CA ASP A 260 7.90 -7.97 21.71
C ASP A 260 7.93 -7.35 23.09
N LYS A 261 8.60 -6.20 23.25
CA LYS A 261 8.75 -5.56 24.55
C LYS A 261 7.70 -4.49 24.81
N ASN A 262 6.73 -4.33 23.91
CA ASN A 262 5.65 -3.37 24.11
C ASN A 262 4.27 -3.99 24.18
N LEU A 263 4.05 -5.14 23.52
CA LEU A 263 2.75 -5.78 23.53
C LEU A 263 2.61 -6.71 24.74
N ASP A 264 1.39 -6.81 25.23
CA ASP A 264 1.07 -7.72 26.32
C ASP A 264 0.94 -9.14 25.81
N ASN A 265 0.70 -10.08 26.72
CA ASN A 265 0.59 -11.48 26.32
C ASN A 265 -0.69 -11.75 25.55
N GLU A 266 -1.76 -11.01 25.83
CA GLU A 266 -3.03 -11.26 25.16
C GLU A 266 -2.96 -10.95 23.67
N TYR A 267 -2.29 -9.85 23.29
CA TYR A 267 -2.15 -9.51 21.88
C TYR A 267 -1.32 -10.56 21.16
N ILE A 268 -0.24 -11.03 21.78
CA ILE A 268 0.59 -12.07 21.17
C ILE A 268 -0.22 -13.34 21.00
N SER A 269 -1.02 -13.71 22.01
CA SER A 269 -1.85 -14.90 21.91
C SER A 269 -2.89 -14.77 20.79
N THR A 270 -3.50 -13.59 20.66
CA THR A 270 -4.47 -13.38 19.60
C THR A 270 -3.83 -13.50 18.22
N LEU A 271 -2.65 -12.88 18.04
CA LEU A 271 -1.96 -12.99 16.76
C LEU A 271 -1.56 -14.43 16.48
N ASN A 272 -1.09 -15.14 17.51
CA ASN A 272 -0.73 -16.55 17.33
C ASN A 272 -1.93 -17.39 16.93
N TYR A 273 -3.09 -17.15 17.54
CA TYR A 273 -4.30 -17.87 17.18
C TYR A 273 -4.73 -17.57 15.75
N LEU A 274 -4.66 -16.30 15.35
CA LEU A 274 -5.03 -15.93 13.99
C LEU A 274 -4.12 -16.61 12.98
N TYR A 275 -2.81 -16.64 13.25
CA TYR A 275 -1.89 -17.33 12.35
C TYR A 275 -2.11 -18.83 12.38
N ASP A 276 -2.39 -19.39 13.55
CA ASP A 276 -2.51 -20.83 13.72
C ASP A 276 -3.73 -21.39 13.02
N ARG A 277 -4.82 -20.63 12.96
CA ARG A 277 -5.99 -21.10 12.22
C ARG A 277 -5.62 -21.38 10.76
N ILE A 278 -4.98 -20.43 10.10
CA ILE A 278 -4.62 -20.61 8.69
C ILE A 278 -3.55 -21.67 8.54
N THR A 279 -2.59 -21.73 9.46
CA THR A 279 -1.57 -22.77 9.34
C THR A 279 -2.17 -24.16 9.50
N ASN A 280 -3.12 -24.33 10.42
CA ASN A 280 -3.78 -25.62 10.57
C ASN A 280 -4.60 -25.98 9.34
N GLU A 281 -5.30 -24.99 8.76
CA GLU A 281 -6.04 -25.26 7.53
C GLU A 281 -5.10 -25.69 6.41
N LEU A 282 -3.96 -25.00 6.27
CA LEU A 282 -2.98 -25.37 5.25
C LEU A 282 -2.41 -26.75 5.49
N THR A 283 -2.11 -27.10 6.74
CA THR A 283 -1.59 -28.42 7.04
C THR A 283 -2.60 -29.50 6.71
N ASN A 284 -3.88 -29.27 7.04
CA ASN A 284 -4.92 -30.23 6.71
C ASN A 284 -5.05 -30.40 5.19
N SER A 285 -5.04 -29.28 4.46
CA SER A 285 -5.14 -29.35 3.01
C SER A 285 -3.95 -30.07 2.39
N PHE A 286 -2.75 -29.82 2.90
CA PHE A 286 -1.56 -30.51 2.40
C PHE A 286 -1.62 -32.00 2.71
N SER A 287 -2.01 -32.36 3.93
CA SER A 287 -2.10 -33.76 4.30
C SER A 287 -3.14 -34.49 3.46
N LYS A 288 -4.22 -33.80 3.08
CA LYS A 288 -5.19 -34.41 2.17
C LYS A 288 -4.64 -34.59 0.77
N ASN A 289 -3.49 -33.99 0.44
CA ASN A 289 -2.89 -34.12 -0.88
C ASN A 289 -1.38 -34.31 -0.81
N SER A 290 -0.89 -34.90 0.27
CA SER A 290 0.54 -35.14 0.44
C SER A 290 0.99 -36.50 -0.08
N ALA A 291 0.05 -37.34 -0.54
CA ALA A 291 0.40 -38.67 -1.01
C ALA A 291 1.16 -38.66 -2.33
N ALA A 292 1.14 -37.54 -3.06
CA ALA A 292 1.82 -37.47 -4.35
C ALA A 292 3.30 -37.16 -4.18
N ASN A 293 3.62 -36.09 -3.45
CA ASN A 293 5.00 -35.67 -3.30
C ASN A 293 5.83 -36.68 -2.51
N VAL A 294 5.22 -37.37 -1.56
CA VAL A 294 5.95 -38.34 -0.75
C VAL A 294 6.39 -39.54 -1.58
N ASN A 295 5.74 -39.79 -2.71
CA ASN A 295 6.08 -40.95 -3.52
C ASN A 295 7.47 -40.83 -4.12
N TYR A 296 7.87 -39.63 -4.53
CA TYR A 296 9.16 -39.45 -5.19
C TYR A 296 10.11 -38.51 -4.44
N ILE A 297 9.63 -37.36 -3.98
CA ILE A 297 10.51 -36.41 -3.30
C ILE A 297 11.09 -37.02 -2.03
N ALA A 298 10.24 -37.66 -1.23
CA ALA A 298 10.66 -38.22 0.05
C ALA A 298 11.28 -39.61 -0.08
N GLU A 299 11.32 -40.17 -1.28
CA GLU A 299 11.87 -41.51 -1.49
C GLU A 299 13.18 -41.49 -2.26
N THR A 300 13.21 -40.84 -3.43
CA THR A 300 14.43 -40.82 -4.22
C THR A 300 15.56 -40.09 -3.50
N LEU A 301 15.25 -38.95 -2.88
CA LEU A 301 16.28 -38.18 -2.18
C LEU A 301 16.59 -38.72 -0.79
N GLY A 302 15.81 -39.68 -0.29
CA GLY A 302 16.05 -40.22 1.03
C GLY A 302 15.72 -39.28 2.16
N ILE A 303 14.88 -38.28 1.92
CA ILE A 303 14.50 -37.33 2.96
C ILE A 303 13.37 -37.92 3.79
N ASN A 304 13.48 -37.81 5.11
CA ASN A 304 12.43 -38.30 5.99
C ASN A 304 11.15 -37.51 5.76
N PRO A 305 9.99 -38.17 5.64
CA PRO A 305 8.75 -37.45 5.34
C PRO A 305 8.34 -36.43 6.39
N ALA A 306 8.73 -36.63 7.66
CA ALA A 306 8.32 -35.70 8.70
C ALA A 306 8.93 -34.32 8.47
N GLU A 307 10.20 -34.26 8.10
CA GLU A 307 10.90 -33.00 7.85
C GLU A 307 11.03 -32.68 6.37
N PHE A 308 10.17 -33.27 5.52
CA PHE A 308 10.16 -32.98 4.10
C PHE A 308 9.00 -32.11 3.66
N ALA A 309 7.88 -32.13 4.40
CA ALA A 309 6.73 -31.33 4.03
C ALA A 309 7.05 -29.84 4.11
N GLU A 310 7.75 -29.41 5.15
CA GLU A 310 8.13 -28.01 5.26
C GLU A 310 9.05 -27.58 4.13
N GLN A 311 10.03 -28.43 3.80
CA GLN A 311 10.94 -28.11 2.71
C GLN A 311 10.20 -28.02 1.38
N TYR A 312 9.28 -28.96 1.12
CA TYR A 312 8.53 -28.92 -0.13
C TYR A 312 7.63 -27.69 -0.19
N PHE A 313 6.99 -27.33 0.92
CA PHE A 313 6.14 -26.14 0.94
C PHE A 313 6.96 -24.89 0.68
N ARG A 314 8.12 -24.76 1.32
CA ARG A 314 8.97 -23.61 1.08
C ARG A 314 9.47 -23.56 -0.36
N PHE A 315 9.81 -24.72 -0.93
CA PHE A 315 10.23 -24.77 -2.33
C PHE A 315 9.10 -24.33 -3.26
N SER A 316 7.88 -24.82 -3.01
CA SER A 316 6.75 -24.47 -3.85
C SER A 316 6.42 -22.98 -3.77
N ILE A 317 6.48 -22.41 -2.57
CA ILE A 317 6.24 -20.97 -2.43
C ILE A 317 7.36 -20.16 -3.09
N MET A 318 8.60 -20.64 -3.04
CA MET A 318 9.73 -19.86 -3.51
C MET A 318 10.46 -20.54 -4.67
N LYS A 319 9.71 -21.05 -5.64
CA LYS A 319 10.30 -21.65 -6.84
C LYS A 319 10.26 -20.71 -8.04
N GLU A 320 9.89 -19.46 -7.84
CA GLU A 320 9.75 -18.49 -8.92
C GLU A 320 10.77 -17.38 -8.78
N GLN A 321 10.96 -16.63 -9.87
CA GLN A 321 11.90 -15.51 -9.87
C GLN A 321 11.47 -14.38 -8.95
N LYS A 322 10.18 -14.33 -8.59
CA LYS A 322 9.69 -13.27 -7.72
C LYS A 322 10.33 -13.34 -6.34
N ASN A 323 10.48 -14.55 -5.80
CA ASN A 323 11.02 -14.75 -4.46
C ASN A 323 12.48 -15.22 -4.47
N LEU A 324 12.83 -16.17 -5.34
CA LEU A 324 14.19 -16.67 -5.38
C LEU A 324 15.16 -15.61 -5.91
N GLY A 325 14.73 -14.79 -6.86
CA GLY A 325 15.55 -13.75 -7.42
C GLY A 325 16.21 -14.09 -8.74
N PHE A 326 16.28 -15.37 -9.09
CA PHE A 326 16.86 -15.80 -10.35
C PHE A 326 16.07 -16.97 -10.91
N ASN A 327 16.18 -17.15 -12.22
CA ASN A 327 15.44 -18.22 -12.89
C ASN A 327 16.06 -19.58 -12.55
N ILE A 328 15.21 -20.52 -12.13
CA ILE A 328 15.65 -21.85 -11.76
C ILE A 328 15.01 -22.93 -12.63
N THR A 329 13.72 -22.79 -12.93
CA THR A 329 13.00 -23.80 -13.70
C THR A 329 12.99 -23.49 -15.20
N LYS A 330 12.74 -22.25 -15.58
CA LYS A 330 12.61 -21.91 -16.99
C LYS A 330 13.95 -21.84 -17.70
N LEU A 331 15.01 -21.39 -17.01
CA LEU A 331 16.30 -21.20 -17.64
C LEU A 331 17.40 -22.06 -17.04
N ARG A 332 17.55 -22.08 -15.72
CA ARG A 332 18.61 -22.87 -15.10
C ARG A 332 18.38 -24.36 -15.31
N GLU A 333 17.14 -24.82 -15.19
CA GLU A 333 16.83 -26.23 -15.39
C GLU A 333 17.12 -26.66 -16.83
N VAL A 334 16.71 -25.84 -17.80
CA VAL A 334 16.94 -26.19 -19.20
C VAL A 334 18.39 -25.99 -19.60
N MET A 335 19.16 -25.24 -18.81
CA MET A 335 20.59 -25.12 -19.09
C MET A 335 21.31 -26.44 -18.87
N LEU A 336 20.84 -27.25 -17.93
CA LEU A 336 21.35 -28.59 -17.75
C LEU A 336 20.72 -29.51 -18.79
N ASP A 337 20.91 -30.82 -18.62
CA ASP A 337 20.41 -31.86 -19.53
C ASP A 337 20.94 -31.71 -20.95
N ARG A 338 21.94 -30.85 -21.16
CA ARG A 338 22.59 -30.71 -22.46
C ARG A 338 23.88 -31.52 -22.56
N LYS A 339 24.43 -31.95 -21.44
CA LYS A 339 25.63 -32.77 -21.42
C LYS A 339 25.26 -34.22 -21.73
N ASP A 340 26.19 -35.15 -21.45
CA ASP A 340 25.97 -36.56 -21.71
C ASP A 340 24.76 -37.12 -20.95
N MET A 341 24.19 -36.37 -20.01
CA MET A 341 22.99 -36.78 -19.29
C MET A 341 21.72 -36.35 -20.02
N SER A 342 21.79 -36.14 -21.34
CA SER A 342 20.64 -35.73 -22.14
C SER A 342 19.67 -36.87 -22.40
N GLU A 343 19.83 -38.02 -21.76
CA GLU A 343 18.91 -39.14 -21.96
C GLU A 343 17.49 -38.81 -21.52
N ILE A 344 17.33 -37.84 -20.61
CA ILE A 344 15.99 -37.46 -20.17
C ILE A 344 15.20 -36.87 -21.33
N ARG A 345 15.83 -36.00 -22.13
CA ARG A 345 15.14 -35.34 -23.23
C ARG A 345 15.20 -36.15 -24.52
N LYS A 346 16.36 -36.75 -24.82
CA LYS A 346 16.51 -37.49 -26.07
C LYS A 346 15.64 -38.75 -26.08
N ASN A 347 15.68 -39.52 -25.00
CA ASN A 347 14.91 -40.76 -24.92
C ASN A 347 13.50 -40.40 -24.46
N HIS A 348 12.61 -40.17 -25.44
CA HIS A 348 11.24 -39.79 -25.16
C HIS A 348 10.33 -40.99 -24.90
N LYS A 349 10.84 -42.21 -25.02
CA LYS A 349 10.01 -43.39 -24.78
C LYS A 349 9.79 -43.62 -23.29
N VAL A 350 10.87 -43.89 -22.55
CA VAL A 350 10.76 -44.06 -21.11
C VAL A 350 10.46 -42.73 -20.42
N PHE A 351 11.13 -41.66 -20.85
CA PHE A 351 10.90 -40.34 -20.28
C PHE A 351 9.81 -39.62 -21.07
N ASP A 352 8.60 -40.15 -20.96
CA ASP A 352 7.42 -39.56 -21.61
C ASP A 352 6.43 -39.01 -20.60
N SER A 353 5.97 -39.83 -19.67
CA SER A 353 5.06 -39.39 -18.61
C SER A 353 5.76 -39.15 -17.29
N ILE A 354 7.09 -39.26 -17.24
CA ILE A 354 7.84 -39.07 -16.01
C ILE A 354 8.70 -37.81 -16.03
N ARG A 355 8.77 -37.09 -17.15
CA ARG A 355 9.48 -35.81 -17.16
C ARG A 355 8.85 -34.84 -16.16
N THR A 356 7.53 -34.84 -16.08
CA THR A 356 6.85 -34.15 -15.01
C THR A 356 7.22 -34.79 -13.68
N LYS A 357 7.45 -33.94 -12.67
CA LYS A 357 7.91 -34.28 -11.33
C LYS A 357 9.39 -34.66 -11.32
N VAL A 358 9.97 -34.93 -12.50
CA VAL A 358 11.42 -35.06 -12.56
C VAL A 358 12.06 -33.69 -12.71
N TYR A 359 11.46 -32.84 -13.55
CA TYR A 359 11.83 -31.43 -13.53
C TYR A 359 11.63 -30.85 -12.13
N THR A 360 10.55 -31.27 -11.45
CA THR A 360 10.31 -30.80 -10.09
C THR A 360 11.39 -31.28 -9.12
N MET A 361 11.82 -32.54 -9.26
CA MET A 361 12.91 -33.04 -8.41
C MET A 361 14.20 -32.27 -8.65
N MET A 362 14.52 -31.98 -9.91
CA MET A 362 15.73 -31.21 -10.21
C MET A 362 15.65 -29.81 -9.63
N ASP A 363 14.50 -29.14 -9.79
CA ASP A 363 14.33 -27.82 -9.22
C ASP A 363 14.41 -27.87 -7.69
N PHE A 364 13.83 -28.90 -7.09
CA PHE A 364 13.87 -29.03 -5.63
C PHE A 364 15.29 -29.23 -5.13
N VAL A 365 16.09 -30.06 -5.80
CA VAL A 365 17.45 -30.28 -5.32
C VAL A 365 18.30 -29.01 -5.52
N ILE A 366 18.09 -28.29 -6.63
CA ILE A 366 18.82 -27.04 -6.83
C ILE A 366 18.46 -26.03 -5.76
N TYR A 367 17.16 -25.88 -5.48
CA TYR A 367 16.71 -24.94 -4.46
C TYR A 367 17.22 -25.34 -3.08
N ARG A 368 17.21 -26.64 -2.79
CA ARG A 368 17.71 -27.13 -1.51
C ARG A 368 19.20 -26.84 -1.35
N TYR A 369 19.98 -27.05 -2.41
CA TYR A 369 21.40 -26.73 -2.34
C TYR A 369 21.61 -25.23 -2.11
N TYR A 370 20.86 -24.39 -2.81
CA TYR A 370 21.02 -22.95 -2.65
C TYR A 370 20.65 -22.50 -1.23
N ILE A 371 19.53 -23.00 -0.71
CA ILE A 371 19.13 -22.58 0.63
C ILE A 371 20.07 -23.13 1.69
N GLU A 372 20.59 -24.34 1.50
CA GLU A 372 21.57 -24.87 2.44
C GLU A 372 22.85 -24.05 2.42
N GLU A 373 23.30 -23.65 1.24
CA GLU A 373 24.49 -22.79 1.16
C GLU A 373 24.24 -21.46 1.85
N ASP A 374 23.06 -20.86 1.64
CA ASP A 374 22.73 -19.60 2.30
C ASP A 374 22.69 -19.77 3.81
N ALA A 375 22.10 -20.86 4.29
CA ALA A 375 21.99 -21.09 5.73
C ALA A 375 23.34 -21.36 6.36
N LYS A 376 24.23 -22.09 5.67
CA LYS A 376 25.55 -22.35 6.25
C LYS A 376 26.43 -21.12 6.19
N VAL A 377 26.24 -20.24 5.21
CA VAL A 377 26.97 -18.97 5.21
C VAL A 377 26.46 -18.07 6.32
N ALA A 378 25.15 -18.00 6.49
CA ALA A 378 24.59 -17.26 7.63
C ALA A 378 24.83 -18.03 8.92
N ALA A 379 24.73 -17.30 10.04
CA ALA A 379 24.92 -17.85 11.38
C ALA A 379 26.35 -18.38 11.57
N ALA A 380 27.20 -18.20 10.56
CA ALA A 380 28.61 -18.55 10.64
C ALA A 380 29.53 -17.34 10.54
N ASN A 381 29.08 -16.28 9.87
CA ASN A 381 29.81 -15.02 9.83
C ASN A 381 29.54 -14.14 11.06
N LYS A 382 28.66 -14.58 11.95
CA LYS A 382 28.40 -13.82 13.18
C LYS A 382 29.63 -13.79 14.07
N SER A 383 30.40 -14.89 14.11
CA SER A 383 31.63 -14.91 14.90
C SER A 383 32.64 -13.89 14.38
N LEU A 384 32.78 -13.79 13.06
CA LEU A 384 33.69 -12.83 12.47
C LEU A 384 33.10 -11.43 12.59
N PRO A 385 33.74 -10.50 13.29
CA PRO A 385 33.09 -9.21 13.57
C PRO A 385 32.71 -8.40 12.33
N ASP A 386 33.70 -8.00 11.54
CA ASP A 386 33.42 -7.18 10.36
C ASP A 386 34.20 -7.56 9.10
N ASN A 387 35.35 -8.23 9.22
CA ASN A 387 36.27 -8.38 8.09
C ASN A 387 36.13 -9.73 7.39
N GLU A 388 36.25 -10.83 8.12
CA GLU A 388 36.26 -12.16 7.53
C GLU A 388 34.87 -12.67 7.15
N LYS A 389 33.86 -11.80 7.14
CA LYS A 389 32.52 -12.22 6.72
C LYS A 389 32.52 -12.54 5.22
N SER A 390 31.79 -13.60 4.87
CA SER A 390 31.68 -14.06 3.49
C SER A 390 30.26 -13.83 2.97
N LEU A 391 30.10 -14.00 1.67
CA LEU A 391 28.82 -13.84 1.01
C LEU A 391 28.49 -15.11 0.25
N SER A 392 27.28 -15.63 0.45
CA SER A 392 26.86 -16.86 -0.19
C SER A 392 26.65 -16.66 -1.68
N GLU A 393 26.74 -17.76 -2.44
CA GLU A 393 26.45 -17.71 -3.86
C GLU A 393 25.03 -17.23 -4.13
N LYS A 394 24.12 -17.49 -3.19
CA LYS A 394 22.79 -16.91 -3.26
C LYS A 394 22.89 -15.39 -3.11
N ASP A 395 22.24 -14.68 -4.03
CA ASP A 395 22.26 -13.22 -4.18
C ASP A 395 23.60 -12.75 -4.73
N ILE A 396 24.62 -13.62 -4.74
CA ILE A 396 25.81 -13.33 -5.52
C ILE A 396 25.51 -13.53 -7.00
N PHE A 397 24.80 -14.60 -7.33
CA PHE A 397 24.31 -14.77 -8.68
C PHE A 397 23.36 -13.65 -9.07
N VAL A 398 22.55 -13.16 -8.12
CA VAL A 398 21.65 -12.04 -8.39
C VAL A 398 22.43 -10.77 -8.69
N ILE A 399 23.48 -10.50 -7.92
CA ILE A 399 24.32 -9.32 -8.17
C ILE A 399 24.99 -9.44 -9.53
N ASN A 400 25.47 -10.64 -9.87
CA ASN A 400 26.08 -10.85 -11.19
C ASN A 400 25.07 -10.62 -12.31
N LEU A 401 23.84 -11.10 -12.14
CA LEU A 401 22.81 -10.90 -13.15
C LEU A 401 22.45 -9.42 -13.31
N ARG A 402 22.30 -8.71 -12.18
CA ARG A 402 21.94 -7.30 -12.26
C ARG A 402 23.04 -6.44 -12.89
N GLY A 403 24.30 -6.88 -12.83
CA GLY A 403 25.36 -6.17 -13.51
C GLY A 403 25.29 -6.28 -15.02
N SER A 404 24.68 -7.34 -15.53
CA SER A 404 24.51 -7.49 -16.97
C SER A 404 23.46 -6.53 -17.51
N PHE A 405 23.68 -6.06 -18.73
CA PHE A 405 22.79 -5.11 -19.38
C PHE A 405 22.34 -5.60 -20.75
N ASN A 406 22.35 -6.91 -20.96
CA ASN A 406 21.93 -7.48 -22.24
C ASN A 406 21.38 -8.88 -21.99
N ASP A 407 20.45 -9.29 -22.86
CA ASP A 407 19.84 -10.61 -22.73
C ASP A 407 20.86 -11.71 -22.94
N ASP A 408 21.77 -11.55 -23.90
CA ASP A 408 22.81 -12.55 -24.13
C ASP A 408 23.78 -12.61 -22.95
N GLN A 409 24.00 -11.49 -22.28
CA GLN A 409 24.87 -11.48 -21.11
C GLN A 409 24.27 -12.33 -19.98
N LYS A 410 22.95 -12.28 -19.81
CA LYS A 410 22.31 -13.14 -18.82
C LYS A 410 22.49 -14.62 -19.14
N ASP A 411 22.35 -14.97 -20.43
CA ASP A 411 22.59 -16.36 -20.83
C ASP A 411 24.03 -16.77 -20.57
N ALA A 412 24.98 -15.88 -20.87
CA ALA A 412 26.39 -16.17 -20.58
C ALA A 412 26.62 -16.35 -19.08
N LEU A 413 25.98 -15.52 -18.26
CA LEU A 413 26.12 -15.65 -16.81
C LEU A 413 25.56 -16.98 -16.31
N TYR A 414 24.39 -17.39 -16.82
CA TYR A 414 23.85 -18.69 -16.46
C TYR A 414 24.73 -19.83 -16.95
N TYR A 415 25.42 -19.62 -18.08
CA TYR A 415 26.38 -20.59 -18.57
C TYR A 415 27.63 -20.58 -17.71
N ASP A 416 28.12 -21.78 -17.39
CA ASP A 416 29.26 -22.05 -16.52
C ASP A 416 28.89 -21.77 -15.07
N GLU A 417 27.77 -21.07 -14.83
CA GLU A 417 27.19 -21.07 -13.50
C GLU A 417 26.44 -22.37 -13.27
N ALA A 418 25.74 -22.86 -14.30
CA ALA A 418 25.17 -24.19 -14.25
C ALA A 418 26.24 -25.27 -14.12
N ASN A 419 27.48 -24.97 -14.49
CA ASN A 419 28.59 -25.91 -14.33
C ASN A 419 29.24 -25.81 -12.96
N ARG A 420 29.42 -24.59 -12.44
CA ARG A 420 29.92 -24.44 -11.07
C ARG A 420 28.95 -25.04 -10.07
N ILE A 421 27.64 -24.84 -10.30
CA ILE A 421 26.63 -25.44 -9.44
C ILE A 421 26.53 -26.95 -9.62
N TRP A 422 27.17 -27.50 -10.67
CA TRP A 422 27.10 -28.92 -10.98
C TRP A 422 28.08 -29.72 -10.12
N ARG A 423 27.90 -29.63 -8.81
CA ARG A 423 28.57 -30.50 -7.86
C ARG A 423 27.62 -31.51 -7.25
N LYS A 424 26.41 -31.63 -7.79
CA LYS A 424 25.40 -32.58 -7.32
C LYS A 424 25.18 -33.68 -8.36
N LEU A 425 26.28 -34.15 -8.97
CA LEU A 425 26.18 -35.18 -10.00
C LEU A 425 25.56 -36.45 -9.44
N GLU A 426 25.89 -36.81 -8.20
CA GLU A 426 25.28 -37.98 -7.57
C GLU A 426 23.78 -37.80 -7.41
N ASN A 427 23.34 -36.60 -7.03
CA ASN A 427 21.92 -36.35 -6.84
C ASN A 427 21.15 -36.51 -8.15
N ILE A 428 21.65 -35.92 -9.24
CA ILE A 428 20.95 -36.04 -10.51
C ILE A 428 21.06 -37.45 -11.06
N MET A 429 22.16 -38.16 -10.79
CA MET A 429 22.25 -39.56 -11.18
C MET A 429 21.20 -40.41 -10.47
N HIS A 430 20.98 -40.16 -9.19
CA HIS A 430 19.90 -40.85 -8.48
C HIS A 430 18.53 -40.44 -9.00
N ASN A 431 18.36 -39.15 -9.35
CA ASN A 431 17.07 -38.68 -9.85
C ASN A 431 16.74 -39.33 -11.19
N ILE A 432 17.73 -39.48 -12.08
CA ILE A 432 17.49 -40.06 -13.40
C ILE A 432 17.11 -41.54 -13.33
N LYS A 433 17.29 -42.18 -12.18
CA LYS A 433 16.89 -43.57 -11.99
C LYS A 433 15.41 -43.72 -11.67
N GLU A 434 14.68 -42.63 -11.53
CA GLU A 434 13.25 -42.67 -11.23
C GLU A 434 12.51 -43.20 -12.46
N PHE A 435 12.09 -44.46 -12.40
CA PHE A 435 11.39 -45.13 -13.48
C PHE A 435 12.16 -45.06 -14.80
N ARG A 453 1.62 -32.54 9.58
CA ARG A 453 3.05 -32.31 9.64
C ARG A 453 3.34 -31.08 10.50
N ILE A 454 4.58 -30.61 10.48
CA ILE A 454 5.02 -29.50 11.32
C ILE A 454 5.23 -28.28 10.43
N LEU A 455 4.56 -27.19 10.77
CA LEU A 455 4.67 -25.90 10.09
C LEU A 455 4.96 -24.82 11.10
N PRO A 456 5.64 -23.74 10.69
CA PRO A 456 5.95 -22.66 11.63
C PRO A 456 4.70 -21.96 12.15
N ALA A 457 4.44 -22.08 13.44
CA ALA A 457 3.25 -21.49 14.05
C ALA A 457 3.54 -20.03 14.40
N GLY A 458 2.61 -19.41 15.15
CA GLY A 458 2.79 -18.02 15.53
C GLY A 458 3.86 -17.79 16.56
N ARG A 459 4.26 -18.83 17.30
CA ARG A 459 5.29 -18.67 18.32
C ARG A 459 6.67 -18.47 17.71
N ASP A 460 6.90 -18.99 16.50
CA ASP A 460 8.20 -18.87 15.86
C ASP A 460 8.30 -17.66 14.94
N VAL A 461 7.20 -17.27 14.30
CA VAL A 461 7.25 -16.13 13.39
C VAL A 461 7.29 -14.82 14.20
N SER A 462 7.79 -13.78 13.56
CA SER A 462 7.93 -12.49 14.21
C SER A 462 6.57 -11.84 14.45
N ALA A 463 6.52 -10.97 15.45
CA ALA A 463 5.29 -10.25 15.75
C ALA A 463 4.91 -9.28 14.64
N PHE A 464 5.91 -8.73 13.94
CA PHE A 464 5.62 -7.83 12.82
C PHE A 464 4.88 -8.56 11.72
N SER A 465 5.29 -9.79 11.41
CA SER A 465 4.61 -10.55 10.37
C SER A 465 3.16 -10.84 10.75
N LYS A 466 2.93 -11.24 12.01
CA LYS A 466 1.57 -11.50 12.46
C LYS A 466 0.71 -10.24 12.43
N LEU A 467 1.29 -9.10 12.83
CA LEU A 467 0.55 -7.85 12.77
C LEU A 467 0.23 -7.46 11.34
N MET A 468 1.17 -7.67 10.42
CA MET A 468 0.90 -7.39 9.01
C MET A 468 -0.20 -8.30 8.46
N TYR A 469 -0.17 -9.58 8.84
CA TYR A 469 -1.23 -10.49 8.41
C TYR A 469 -2.59 -10.05 8.96
N ALA A 470 -2.63 -9.63 10.23
CA ALA A 470 -3.87 -9.12 10.81
C ALA A 470 -4.33 -7.86 10.09
N LEU A 471 -3.41 -6.98 9.70
CA LEU A 471 -3.76 -5.79 8.95
C LEU A 471 -4.35 -6.14 7.60
N THR A 472 -3.79 -7.17 6.93
CA THR A 472 -4.30 -7.57 5.62
C THR A 472 -5.75 -8.03 5.70
N MET A 473 -6.19 -8.50 6.86
CA MET A 473 -7.57 -8.91 7.01
C MET A 473 -8.56 -7.76 6.89
N PHE A 474 -8.08 -6.51 6.97
CA PHE A 474 -8.94 -5.35 6.79
C PHE A 474 -8.90 -4.78 5.38
N LEU A 475 -7.93 -5.17 4.56
CA LEU A 475 -7.84 -4.74 3.18
C LEU A 475 -8.35 -5.85 2.26
N ASP A 476 -8.31 -5.59 0.96
CA ASP A 476 -8.77 -6.52 -0.05
C ASP A 476 -7.59 -7.02 -0.90
N GLY A 477 -7.90 -7.88 -1.87
CA GLY A 477 -6.89 -8.64 -2.58
C GLY A 477 -5.80 -7.85 -3.27
N LYS A 478 -6.18 -6.88 -4.10
CA LYS A 478 -5.17 -6.08 -4.80
C LYS A 478 -4.36 -5.24 -3.83
N GLU A 479 -5.01 -4.66 -2.82
CA GLU A 479 -4.28 -3.89 -1.81
C GLU A 479 -3.31 -4.77 -1.05
N ILE A 480 -3.77 -5.97 -0.67
CA ILE A 480 -2.89 -6.91 0.04
C ILE A 480 -1.69 -7.27 -0.83
N ASN A 481 -1.94 -7.59 -2.09
CA ASN A 481 -0.86 -7.98 -2.99
C ASN A 481 0.15 -6.86 -3.14
N ASP A 482 -0.33 -5.64 -3.38
CA ASP A 482 0.58 -4.51 -3.58
C ASP A 482 1.40 -4.23 -2.32
N LEU A 483 0.74 -4.19 -1.17
CA LEU A 483 1.44 -3.91 0.09
C LEU A 483 2.49 -4.97 0.38
N LEU A 484 2.11 -6.25 0.26
CA LEU A 484 3.05 -7.32 0.57
C LEU A 484 4.18 -7.39 -0.43
N THR A 485 3.91 -7.14 -1.71
CA THR A 485 4.98 -7.14 -2.71
C THR A 485 5.96 -6.01 -2.44
N THR A 486 5.46 -4.81 -2.14
CA THR A 486 6.35 -3.70 -1.80
C THR A 486 7.18 -4.04 -0.57
N LEU A 487 6.54 -4.62 0.45
CA LEU A 487 7.27 -4.94 1.68
C LEU A 487 8.35 -5.97 1.43
N ILE A 488 8.05 -7.03 0.67
CA ILE A 488 9.05 -8.07 0.44
C ILE A 488 10.18 -7.55 -0.42
N ASN A 489 9.88 -6.71 -1.42
CA ASN A 489 10.93 -6.15 -2.25
C ASN A 489 11.85 -5.25 -1.42
N LYS A 490 11.28 -4.39 -0.58
CA LYS A 490 12.10 -3.51 0.23
C LYS A 490 12.92 -4.28 1.25
N PHE A 491 12.34 -5.32 1.86
CA PHE A 491 13.09 -6.11 2.83
C PHE A 491 14.19 -6.90 2.16
N ASP A 492 13.95 -7.39 0.93
CA ASP A 492 15.02 -8.06 0.19
C ASP A 492 16.15 -7.10 -0.14
N ASN A 493 15.81 -5.87 -0.53
CA ASN A 493 16.85 -4.87 -0.79
C ASN A 493 17.63 -4.56 0.48
N ILE A 494 16.95 -4.43 1.61
CA ILE A 494 17.62 -4.16 2.88
C ILE A 494 18.55 -5.31 3.25
N GLN A 495 18.08 -6.56 3.08
CA GLN A 495 18.91 -7.72 3.36
C GLN A 495 20.15 -7.75 2.48
N SER A 496 19.98 -7.48 1.18
CA SER A 496 21.12 -7.47 0.27
C SER A 496 22.12 -6.38 0.66
N PHE A 497 21.63 -5.19 1.01
CA PHE A 497 22.54 -4.12 1.42
C PHE A 497 23.26 -4.46 2.71
N LEU A 498 22.57 -5.06 3.68
CA LEU A 498 23.19 -5.42 4.94
C LEU A 498 24.21 -6.53 4.76
N LYS A 499 24.00 -7.42 3.77
CA LYS A 499 25.01 -8.42 3.47
C LYS A 499 26.21 -7.83 2.74
N VAL A 500 25.98 -6.86 1.85
CA VAL A 500 27.08 -6.25 1.11
C VAL A 500 27.94 -5.37 2.01
N MET A 501 27.33 -4.68 2.99
CA MET A 501 28.06 -3.70 3.79
C MET A 501 29.33 -4.23 4.44
N PRO A 502 29.37 -5.41 5.08
CA PRO A 502 30.64 -5.88 5.66
C PRO A 502 31.75 -6.04 4.64
N LEU A 503 31.43 -6.45 3.41
CA LEU A 503 32.45 -6.60 2.38
C LEU A 503 33.01 -5.25 1.95
N ILE A 504 32.17 -4.22 1.90
CA ILE A 504 32.64 -2.89 1.52
C ILE A 504 33.63 -2.35 2.54
N GLY A 505 33.33 -2.55 3.83
CA GLY A 505 34.19 -2.05 4.89
C GLY A 505 33.46 -1.12 5.83
N VAL A 506 32.13 -1.14 5.76
CA VAL A 506 31.29 -0.30 6.60
C VAL A 506 31.00 -1.04 7.90
N ASN A 507 31.30 -0.41 9.03
CA ASN A 507 31.08 -0.99 10.35
C ASN A 507 29.78 -0.50 10.98
N ALA A 508 28.91 0.12 10.21
CA ALA A 508 27.67 0.65 10.75
C ALA A 508 26.75 -0.47 11.19
N LYS A 509 26.25 -0.37 12.42
CA LYS A 509 25.32 -1.34 12.98
C LYS A 509 24.17 -0.62 13.65
N PHE A 510 22.99 -1.24 13.61
CA PHE A 510 21.81 -0.65 14.22
C PHE A 510 21.97 -0.59 15.74
N VAL A 511 21.52 0.52 16.33
CA VAL A 511 21.49 0.67 17.79
C VAL A 511 20.40 -0.24 18.33
N GLU A 512 20.36 -0.41 19.66
CA GLU A 512 19.35 -1.26 20.26
C GLU A 512 18.03 -0.53 20.36
N GLU A 513 17.61 0.09 19.26
CA GLU A 513 16.28 0.68 19.13
C GLU A 513 15.63 0.38 17.78
N TYR A 514 16.41 0.10 16.74
CA TYR A 514 15.91 -0.29 15.43
C TYR A 514 16.47 -1.64 15.01
N ALA A 515 16.82 -2.49 15.98
CA ALA A 515 17.40 -3.80 15.71
C ALA A 515 16.43 -4.76 15.04
N PHE A 516 15.19 -4.32 14.81
CA PHE A 516 14.22 -5.17 14.11
C PHE A 516 14.66 -5.46 12.68
N PHE A 517 15.35 -4.52 12.05
CA PHE A 517 15.79 -4.69 10.66
C PHE A 517 17.03 -5.56 10.53
N LYS A 518 17.66 -5.95 11.64
CA LYS A 518 18.86 -6.77 11.57
C LYS A 518 18.56 -8.18 11.05
N ASP A 519 17.31 -8.62 11.13
CA ASP A 519 16.89 -9.94 10.66
C ASP A 519 15.92 -9.81 9.49
N SER A 520 16.24 -8.93 8.54
CA SER A 520 15.33 -8.64 7.44
C SER A 520 15.07 -9.85 6.55
N ALA A 521 16.01 -10.80 6.47
CA ALA A 521 15.80 -11.99 5.66
C ALA A 521 14.64 -12.82 6.19
N LYS A 522 14.62 -13.06 7.50
CA LYS A 522 13.52 -13.80 8.10
C LYS A 522 12.20 -13.07 7.94
N ILE A 523 12.22 -11.75 8.08
CA ILE A 523 11.00 -10.96 7.91
C ILE A 523 10.47 -11.09 6.50
N ALA A 524 11.36 -11.00 5.50
CA ALA A 524 10.94 -11.13 4.11
C ALA A 524 10.40 -12.52 3.82
N ASP A 525 11.06 -13.57 4.35
CA ASP A 525 10.57 -14.92 4.14
C ASP A 525 9.20 -15.12 4.76
N GLU A 526 9.00 -14.61 5.98
CA GLU A 526 7.70 -14.72 6.63
C GLU A 526 6.64 -13.95 5.88
N LEU A 527 6.98 -12.77 5.35
CA LEU A 527 6.02 -11.99 4.57
C LEU A 527 5.63 -12.72 3.29
N ARG A 528 6.60 -13.35 2.63
CA ARG A 528 6.28 -14.15 1.43
C ARG A 528 5.37 -15.32 1.78
N LEU A 529 5.68 -16.02 2.88
CA LEU A 529 4.83 -17.12 3.30
C LEU A 529 3.41 -16.65 3.62
N ILE A 530 3.29 -15.50 4.27
CA ILE A 530 1.98 -14.95 4.58
C ILE A 530 1.23 -14.57 3.31
N LYS A 531 1.93 -13.94 2.36
CA LYS A 531 1.31 -13.59 1.08
C LYS A 531 0.85 -14.82 0.33
N SER A 532 1.52 -15.96 0.54
CA SER A 532 1.11 -17.20 -0.13
C SER A 532 -0.31 -17.62 0.22
N PHE A 533 -0.86 -17.15 1.36
CA PHE A 533 -2.22 -17.52 1.75
C PHE A 533 -3.09 -16.35 2.17
N ALA A 534 -2.60 -15.11 2.08
CA ALA A 534 -3.40 -13.96 2.53
C ALA A 534 -4.69 -13.82 1.73
N ARG A 535 -4.71 -14.30 0.49
CA ARG A 535 -5.90 -14.22 -0.33
C ARG A 535 -6.94 -15.29 0.01
N MET A 536 -6.55 -16.30 0.79
CA MET A 536 -7.46 -17.38 1.13
C MET A 536 -8.45 -16.94 2.21
N GLY A 537 -9.52 -17.71 2.33
CA GLY A 537 -10.54 -17.41 3.34
C GLY A 537 -11.68 -16.58 2.78
N GLU A 538 -12.85 -16.77 3.38
CA GLU A 538 -14.03 -16.02 2.95
C GLU A 538 -13.98 -14.61 3.53
N PRO A 539 -13.97 -13.57 2.70
CA PRO A 539 -13.94 -12.21 3.23
C PRO A 539 -15.16 -11.85 4.07
N ILE A 540 -16.33 -12.38 3.72
CA ILE A 540 -17.59 -12.07 4.41
C ILE A 540 -18.14 -13.35 5.01
N ALA A 541 -18.51 -13.30 6.28
CA ALA A 541 -19.04 -14.47 6.99
C ALA A 541 -20.27 -14.06 7.78
N ASP A 542 -21.13 -15.04 8.04
CA ASP A 542 -22.36 -14.87 8.82
C ASP A 542 -23.25 -13.80 8.20
N ALA A 543 -23.74 -14.13 7.00
CA ALA A 543 -24.62 -13.22 6.27
C ALA A 543 -25.85 -12.88 7.09
N ARG A 544 -26.00 -11.59 7.42
CA ARG A 544 -27.09 -11.10 8.24
C ARG A 544 -28.09 -10.32 7.39
N ARG A 545 -29.14 -9.84 8.05
CA ARG A 545 -30.17 -9.07 7.35
C ARG A 545 -29.64 -7.74 6.83
N ALA A 546 -28.73 -7.11 7.58
CA ALA A 546 -28.16 -5.84 7.13
C ALA A 546 -27.38 -5.98 5.84
N MET A 547 -26.76 -7.15 5.61
CA MET A 547 -26.05 -7.37 4.35
C MET A 547 -27.01 -7.37 3.16
N TYR A 548 -28.16 -8.03 3.31
CA TYR A 548 -29.16 -7.99 2.24
C TYR A 548 -29.76 -6.60 2.11
N ILE A 549 -29.89 -5.87 3.22
CA ILE A 549 -30.35 -4.48 3.14
C ILE A 549 -29.39 -3.65 2.29
N ASP A 550 -28.09 -3.80 2.54
CA ASP A 550 -27.09 -3.07 1.75
C ASP A 550 -27.10 -3.53 0.29
N ALA A 551 -27.30 -4.82 0.05
CA ALA A 551 -27.39 -5.31 -1.33
C ALA A 551 -28.58 -4.69 -2.07
N ILE A 552 -29.72 -4.57 -1.39
CA ILE A 552 -30.88 -3.93 -2.00
C ILE A 552 -30.61 -2.44 -2.23
N ARG A 553 -29.98 -1.78 -1.25
CA ARG A 553 -29.72 -0.34 -1.37
C ARG A 553 -28.76 -0.04 -2.51
N ILE A 554 -27.72 -0.87 -2.69
CA ILE A 554 -26.79 -0.62 -3.77
C ILE A 554 -27.40 -0.94 -5.14
N LEU A 555 -28.45 -1.77 -5.16
CA LEU A 555 -29.13 -2.09 -6.41
C LEU A 555 -30.35 -1.20 -6.64
N GLY A 556 -31.26 -1.13 -5.67
CA GLY A 556 -32.47 -0.37 -5.78
C GLY A 556 -32.49 0.86 -4.87
N THR A 557 -33.59 1.58 -4.94
CA THR A 557 -33.77 2.80 -4.17
C THR A 557 -35.26 3.07 -4.03
N ASN A 558 -35.61 4.29 -3.61
CA ASN A 558 -37.00 4.72 -3.46
C ASN A 558 -37.76 3.82 -2.49
N LEU A 559 -37.10 3.42 -1.40
CA LEU A 559 -37.70 2.58 -0.38
C LEU A 559 -37.41 3.19 1.00
N SER A 560 -37.90 2.51 2.02
CA SER A 560 -37.81 2.97 3.40
C SER A 560 -37.73 1.75 4.30
N TYR A 561 -38.04 1.93 5.58
CA TYR A 561 -38.07 0.84 6.56
C TYR A 561 -38.96 -0.31 6.10
N ASP A 562 -39.81 -0.06 5.10
CA ASP A 562 -40.62 -1.13 4.52
C ASP A 562 -39.75 -2.23 3.94
N GLU A 563 -38.52 -1.91 3.53
CA GLU A 563 -37.62 -2.94 3.01
C GLU A 563 -37.24 -3.94 4.08
N LEU A 564 -37.28 -3.54 5.36
CA LEU A 564 -37.05 -4.49 6.45
C LEU A 564 -38.05 -5.64 6.39
N LYS A 565 -39.34 -5.31 6.31
CA LYS A 565 -40.36 -6.33 6.19
C LYS A 565 -40.27 -7.05 4.85
N ALA A 566 -40.00 -6.31 3.77
CA ALA A 566 -39.89 -6.92 2.45
C ALA A 566 -38.76 -7.93 2.38
N LEU A 567 -37.75 -7.78 3.24
CA LEU A 567 -36.66 -8.75 3.35
C LEU A 567 -37.02 -9.89 4.29
N ALA A 568 -37.54 -9.57 5.48
CA ALA A 568 -37.81 -10.60 6.48
C ALA A 568 -38.89 -11.57 6.02
N ASP A 569 -39.94 -11.08 5.37
CA ASP A 569 -41.06 -11.92 4.98
C ASP A 569 -40.85 -12.62 3.64
N THR A 570 -39.70 -12.42 2.99
CA THR A 570 -39.50 -13.00 1.66
C THR A 570 -38.23 -13.85 1.60
N PHE A 571 -37.17 -13.44 2.30
CA PHE A 571 -35.90 -14.15 2.17
C PHE A 571 -35.77 -15.32 3.14
N SER A 572 -36.14 -15.13 4.40
CA SER A 572 -35.94 -16.15 5.42
C SER A 572 -37.23 -16.67 6.03
N LEU A 573 -38.31 -15.89 6.04
CA LEU A 573 -39.57 -16.27 6.67
C LEU A 573 -40.70 -16.11 5.66
N ASP A 574 -40.97 -17.17 4.90
CA ASP A 574 -42.04 -17.14 3.92
C ASP A 574 -43.00 -18.30 4.13
N GLU A 575 -42.52 -19.39 4.72
CA GLU A 575 -43.37 -20.54 4.97
C GLU A 575 -44.46 -20.21 5.97
N ASN A 576 -44.15 -19.42 7.00
CA ASN A 576 -45.13 -19.02 7.99
C ASN A 576 -44.76 -17.62 8.47
N GLY A 577 -45.36 -17.19 9.58
CA GLY A 577 -45.07 -15.86 10.10
C GLY A 577 -43.64 -15.71 10.58
N ASN A 578 -43.14 -16.72 11.31
CA ASN A 578 -41.79 -16.64 11.85
C ASN A 578 -41.02 -17.96 11.73
N LYS A 579 -41.51 -18.93 10.97
CA LYS A 579 -40.82 -20.20 10.82
C LYS A 579 -39.88 -20.14 9.62
N LEU A 580 -38.72 -20.77 9.76
CA LEU A 580 -37.71 -20.75 8.70
C LEU A 580 -38.19 -21.53 7.49
N LYS A 581 -37.61 -21.21 6.34
CA LYS A 581 -37.99 -21.79 5.07
C LYS A 581 -37.25 -23.08 4.79
N LYS A 582 -37.83 -23.89 3.92
CA LYS A 582 -37.21 -25.12 3.45
C LYS A 582 -36.19 -24.77 2.36
N GLY A 583 -35.75 -25.79 1.61
CA GLY A 583 -34.79 -25.55 0.54
C GLY A 583 -35.41 -24.86 -0.67
N LYS A 584 -36.14 -23.78 -0.42
CA LYS A 584 -36.77 -22.97 -1.46
C LYS A 584 -36.27 -21.52 -1.39
N HIS A 585 -35.02 -21.34 -0.96
CA HIS A 585 -34.43 -20.02 -0.76
C HIS A 585 -33.55 -19.60 -1.92
N GLY A 586 -33.98 -19.93 -3.15
CA GLY A 586 -33.17 -19.62 -4.32
C GLY A 586 -32.90 -18.13 -4.50
N MET A 587 -33.85 -17.28 -4.12
CA MET A 587 -33.63 -15.84 -4.20
C MET A 587 -32.52 -15.40 -3.26
N ARG A 588 -32.51 -15.91 -2.03
CA ARG A 588 -31.45 -15.57 -1.10
C ARG A 588 -30.09 -16.05 -1.60
N ASN A 589 -30.03 -17.27 -2.14
CA ASN A 589 -28.78 -17.78 -2.68
C ASN A 589 -28.31 -16.95 -3.86
N PHE A 590 -29.23 -16.54 -4.73
CA PHE A 590 -28.88 -15.68 -5.85
C PHE A 590 -28.30 -14.36 -5.36
N ILE A 591 -28.96 -13.73 -4.38
CA ILE A 591 -28.47 -12.46 -3.85
C ILE A 591 -27.09 -12.63 -3.24
N ILE A 592 -26.89 -13.69 -2.45
CA ILE A 592 -25.60 -13.92 -1.81
C ILE A 592 -24.51 -14.11 -2.87
N ASN A 593 -24.75 -15.01 -3.83
CA ASN A 593 -23.73 -15.36 -4.80
C ASN A 593 -23.47 -14.24 -5.80
N ASN A 594 -24.38 -13.29 -5.96
CA ASN A 594 -24.17 -12.19 -6.89
C ASN A 594 -23.80 -10.87 -6.24
N VAL A 595 -23.92 -10.75 -4.92
CA VAL A 595 -23.53 -9.50 -4.25
C VAL A 595 -22.53 -9.79 -3.15
N ILE A 596 -22.91 -10.66 -2.21
CA ILE A 596 -22.10 -10.87 -1.00
C ILE A 596 -20.80 -11.58 -1.35
N SER A 597 -20.88 -12.63 -2.17
CA SER A 597 -19.69 -13.40 -2.50
C SER A 597 -18.70 -12.62 -3.35
N ASN A 598 -19.14 -11.57 -4.02
CA ASN A 598 -18.26 -10.77 -4.87
C ASN A 598 -17.35 -9.91 -4.01
N LYS A 599 -16.04 -9.94 -4.28
CA LYS A 599 -15.11 -9.11 -3.54
C LYS A 599 -15.25 -7.63 -3.89
N ARG A 600 -15.75 -7.32 -5.09
CA ARG A 600 -15.96 -5.92 -5.45
C ARG A 600 -16.98 -5.27 -4.54
N PHE A 601 -18.07 -5.97 -4.23
CA PHE A 601 -19.06 -5.42 -3.31
C PHE A 601 -18.49 -5.26 -1.91
N HIS A 602 -17.61 -6.18 -1.48
CA HIS A 602 -16.94 -6.02 -0.19
C HIS A 602 -16.07 -4.78 -0.18
N TYR A 603 -15.33 -4.53 -1.27
CA TYR A 603 -14.54 -3.32 -1.37
C TYR A 603 -15.43 -2.08 -1.33
N LEU A 604 -16.58 -2.14 -2.01
CA LEU A 604 -17.50 -1.01 -2.01
C LEU A 604 -18.04 -0.72 -0.62
N ILE A 605 -18.51 -1.77 0.08
CA ILE A 605 -19.10 -1.58 1.39
C ILE A 605 -18.05 -1.20 2.43
N ARG A 606 -16.78 -1.52 2.19
CA ARG A 606 -15.73 -1.12 3.11
C ARG A 606 -15.39 0.36 3.01
N TYR A 607 -15.66 1.01 1.87
CA TYR A 607 -15.29 2.39 1.68
C TYR A 607 -16.46 3.30 1.30
N GLY A 608 -17.66 2.77 1.14
CA GLY A 608 -18.78 3.60 0.72
C GLY A 608 -20.12 3.06 1.17
N ASP A 609 -21.08 3.98 1.29
CA ASP A 609 -22.47 3.66 1.61
C ASP A 609 -23.19 3.15 0.36
N PRO A 610 -23.89 2.02 0.46
CA PRO A 610 -24.52 1.45 -0.74
C PRO A 610 -25.51 2.39 -1.42
N ALA A 611 -26.27 3.16 -0.65
CA ALA A 611 -27.18 4.13 -1.26
C ALA A 611 -26.42 5.21 -2.02
N HIS A 612 -25.33 5.71 -1.43
CA HIS A 612 -24.51 6.70 -2.12
C HIS A 612 -23.83 6.09 -3.34
N LEU A 613 -23.38 4.84 -3.23
CA LEU A 613 -22.77 4.16 -4.37
C LEU A 613 -23.77 3.92 -5.49
N HIS A 614 -25.05 3.77 -5.16
CA HIS A 614 -26.07 3.72 -6.20
C HIS A 614 -26.33 5.10 -6.80
N GLU A 615 -26.33 6.14 -5.96
CA GLU A 615 -26.59 7.48 -6.46
C GLU A 615 -25.50 7.95 -7.41
N ILE A 616 -24.24 7.66 -7.10
CA ILE A 616 -23.15 8.09 -7.99
C ILE A 616 -23.21 7.34 -9.32
N ALA A 617 -23.61 6.07 -9.30
CA ALA A 617 -23.62 5.26 -10.51
C ALA A 617 -24.67 5.70 -11.52
N LYS A 618 -25.58 6.60 -11.16
CA LYS A 618 -26.60 7.07 -12.08
C LYS A 618 -26.12 8.17 -13.01
N ASN A 619 -24.87 8.62 -12.86
CA ASN A 619 -24.32 9.65 -13.73
C ASN A 619 -23.87 9.01 -15.05
N GLU A 620 -24.41 9.51 -16.16
CA GLU A 620 -24.13 8.91 -17.46
C GLU A 620 -22.68 9.13 -17.87
N ALA A 621 -22.14 10.33 -17.60
CA ALA A 621 -20.80 10.66 -18.07
C ALA A 621 -19.74 9.76 -17.44
N VAL A 622 -19.86 9.50 -16.13
CA VAL A 622 -18.86 8.67 -15.45
C VAL A 622 -18.93 7.23 -15.95
N VAL A 623 -20.14 6.70 -16.14
CA VAL A 623 -20.29 5.35 -16.65
C VAL A 623 -19.71 5.24 -18.06
N LYS A 624 -19.98 6.24 -18.91
CA LYS A 624 -19.42 6.23 -20.25
C LYS A 624 -17.90 6.29 -20.22
N PHE A 625 -17.33 7.09 -19.31
CA PHE A 625 -15.88 7.18 -19.19
C PHE A 625 -15.29 5.84 -18.75
N VAL A 626 -15.93 5.18 -17.78
CA VAL A 626 -15.45 3.87 -17.33
C VAL A 626 -15.53 2.85 -18.46
N LEU A 627 -16.62 2.85 -19.22
CA LEU A 627 -16.75 1.93 -20.34
C LEU A 627 -15.71 2.20 -21.41
N GLY A 628 -15.42 3.48 -21.68
CA GLY A 628 -14.37 3.81 -22.62
C GLY A 628 -13.00 3.35 -22.15
N ARG A 629 -12.72 3.50 -20.86
CA ARG A 629 -11.47 3.00 -20.31
C ARG A 629 -11.37 1.48 -20.45
N ILE A 630 -12.48 0.78 -20.21
CA ILE A 630 -12.50 -0.67 -20.38
C ILE A 630 -12.24 -1.05 -21.84
N ALA A 631 -12.86 -0.30 -22.76
CA ALA A 631 -12.64 -0.56 -24.19
C ALA A 631 -11.20 -0.30 -24.60
N ASP A 632 -10.56 0.73 -24.03
CA ASP A 632 -9.19 1.07 -24.38
C ASP A 632 -8.17 0.05 -23.86
N ILE A 633 -8.58 -0.88 -23.01
CA ILE A 633 -7.64 -1.88 -22.49
C ILE A 633 -7.10 -2.75 -23.62
N GLN A 634 -7.98 -3.17 -24.54
CA GLN A 634 -7.59 -3.99 -25.69
C GLN A 634 -6.94 -5.30 -25.23
N GLN A 644 -13.70 -6.04 -24.92
CA GLN A 644 -14.50 -6.36 -23.75
C GLN A 644 -15.91 -5.77 -23.85
N ILE A 645 -16.05 -4.61 -24.47
CA ILE A 645 -17.38 -4.01 -24.62
C ILE A 645 -18.29 -4.90 -25.45
N ASP A 646 -17.74 -5.48 -26.52
CA ASP A 646 -18.52 -6.40 -27.34
C ASP A 646 -18.94 -7.63 -26.55
N ARG A 647 -18.03 -8.18 -25.74
CA ARG A 647 -18.36 -9.33 -24.91
C ARG A 647 -19.45 -8.99 -23.90
N TYR A 648 -19.35 -7.83 -23.26
CA TYR A 648 -20.39 -7.41 -22.31
C TYR A 648 -21.73 -7.23 -23.00
N TYR A 649 -21.73 -6.62 -24.19
CA TYR A 649 -22.98 -6.44 -24.92
C TYR A 649 -23.58 -7.78 -25.32
N GLU A 650 -22.75 -8.74 -25.75
CA GLU A 650 -23.25 -10.05 -26.13
C GLU A 650 -23.78 -10.82 -24.93
N THR A 651 -23.16 -10.67 -23.77
CA THR A 651 -23.59 -11.41 -22.59
C THR A 651 -24.67 -10.70 -21.80
N CYS A 652 -25.00 -9.45 -22.13
CA CYS A 652 -26.05 -8.71 -21.43
C CYS A 652 -27.18 -8.30 -22.35
N ILE A 653 -26.87 -7.69 -23.50
CA ILE A 653 -27.89 -7.21 -24.42
C ILE A 653 -27.69 -7.92 -25.76
N GLY A 654 -27.27 -9.19 -25.69
CA GLY A 654 -26.88 -9.97 -26.85
C GLY A 654 -27.73 -9.82 -28.10
N LYS A 655 -27.10 -9.38 -29.18
CA LYS A 655 -27.79 -9.19 -30.46
C LYS A 655 -26.75 -9.45 -31.55
N ASP A 656 -26.90 -10.57 -32.26
CA ASP A 656 -25.92 -10.99 -33.26
C ASP A 656 -26.08 -10.12 -34.51
N LYS A 657 -25.57 -8.90 -34.42
CA LYS A 657 -25.59 -7.97 -35.54
C LYS A 657 -24.50 -6.92 -35.32
N GLY A 658 -23.86 -6.52 -36.41
CA GLY A 658 -22.78 -5.55 -36.31
C GLY A 658 -23.30 -4.19 -35.84
N LYS A 659 -22.72 -3.67 -34.77
CA LYS A 659 -23.08 -2.36 -34.25
C LYS A 659 -21.81 -1.61 -33.87
N SER A 660 -21.93 -0.28 -33.84
CA SER A 660 -20.81 0.56 -33.48
C SER A 660 -20.46 0.40 -32.00
N VAL A 661 -19.18 0.63 -31.68
CA VAL A 661 -18.73 0.52 -30.30
C VAL A 661 -19.39 1.59 -29.44
N SER A 662 -19.58 2.79 -30.00
CA SER A 662 -20.24 3.85 -29.24
C SER A 662 -21.68 3.48 -28.91
N GLU A 663 -22.38 2.85 -29.85
CA GLU A 663 -23.76 2.43 -29.58
C GLU A 663 -23.81 1.38 -28.48
N LYS A 664 -22.87 0.43 -28.49
CA LYS A 664 -22.83 -0.58 -27.43
C LYS A 664 -22.51 0.05 -26.08
N VAL A 665 -21.59 1.02 -26.06
CA VAL A 665 -21.27 1.71 -24.81
C VAL A 665 -22.49 2.47 -24.30
N ASP A 666 -23.22 3.12 -25.20
CA ASP A 666 -24.43 3.85 -24.79
C ASP A 666 -25.49 2.90 -24.25
N ALA A 667 -25.67 1.74 -24.89
CA ALA A 667 -26.64 0.77 -24.40
C ALA A 667 -26.25 0.24 -23.02
N LEU A 668 -24.97 -0.07 -22.82
CA LEU A 668 -24.51 -0.52 -21.52
C LEU A 668 -24.67 0.56 -20.46
N THR A 669 -24.41 1.82 -20.82
CA THR A 669 -24.60 2.91 -19.87
C THR A 669 -26.07 3.06 -19.49
N LYS A 670 -26.97 2.96 -20.47
CA LYS A 670 -28.39 3.04 -20.18
C LYS A 670 -28.85 1.89 -19.29
N ILE A 671 -28.29 0.69 -19.50
CA ILE A 671 -28.63 -0.43 -18.62
C ILE A 671 -28.11 -0.18 -17.22
N ILE A 672 -26.88 0.33 -17.10
CA ILE A 672 -26.31 0.60 -15.79
C ILE A 672 -27.05 1.75 -15.11
N THR A 673 -27.32 2.83 -15.83
CA THR A 673 -28.05 3.95 -15.28
C THR A 673 -29.49 3.53 -14.97
N GLY A 674 -30.01 4.01 -13.84
CA GLY A 674 -31.36 3.65 -13.44
C GLY A 674 -31.51 2.23 -12.93
N MET A 675 -30.43 1.64 -12.41
CA MET A 675 -30.51 0.30 -11.84
C MET A 675 -31.45 0.29 -10.65
N ASN A 676 -32.31 -0.73 -10.58
CA ASN A 676 -33.28 -0.85 -9.51
C ASN A 676 -33.43 -2.31 -9.12
N TYR A 677 -33.83 -2.53 -7.86
CA TYR A 677 -34.13 -3.87 -7.37
C TYR A 677 -35.52 -4.34 -7.78
N ASP A 678 -36.38 -3.42 -8.25
CA ASP A 678 -37.74 -3.79 -8.62
C ASP A 678 -37.76 -4.75 -9.82
N GLN A 679 -36.82 -4.60 -10.75
CA GLN A 679 -36.77 -5.51 -11.90
C GLN A 679 -36.43 -6.93 -11.47
N PHE A 680 -35.55 -7.08 -10.48
CA PHE A 680 -35.27 -8.41 -9.94
C PHE A 680 -36.40 -8.93 -9.07
N ASP A 681 -37.10 -8.03 -8.37
CA ASP A 681 -38.20 -8.44 -7.51
C ASP A 681 -39.42 -8.89 -8.29
N LYS A 682 -39.69 -8.28 -9.45
CA LYS A 682 -40.83 -8.68 -10.26
C LYS A 682 -40.60 -9.97 -11.02
N LYS A 683 -39.34 -10.38 -11.19
CA LYS A 683 -38.99 -11.60 -11.90
C LYS A 683 -38.33 -12.61 -10.97
N ARG A 684 -38.82 -12.70 -9.73
CA ARG A 684 -38.29 -13.68 -8.79
C ARG A 684 -38.64 -15.12 -9.18
N SER A 685 -39.72 -15.31 -9.93
CA SER A 685 -40.07 -16.65 -10.39
C SER A 685 -39.00 -17.22 -11.31
N VAL A 686 -38.46 -16.39 -12.20
CA VAL A 686 -37.38 -16.85 -13.07
C VAL A 686 -36.12 -17.13 -12.26
N ILE A 687 -35.86 -16.32 -11.23
CA ILE A 687 -34.67 -16.53 -10.40
C ILE A 687 -34.75 -17.85 -9.67
N GLU A 688 -35.92 -18.18 -9.10
CA GLU A 688 -36.06 -19.41 -8.34
C GLU A 688 -36.06 -20.66 -9.21
N ASP A 689 -36.30 -20.51 -10.52
CA ASP A 689 -36.29 -21.66 -11.41
C ASP A 689 -34.86 -22.04 -11.78
N THR A 690 -34.71 -23.27 -12.28
CA THR A 690 -33.42 -23.78 -12.69
C THR A 690 -33.59 -24.64 -13.94
N GLY A 691 -32.52 -24.74 -14.71
CA GLY A 691 -32.53 -25.52 -15.94
C GLY A 691 -32.01 -24.76 -17.14
N ARG A 692 -32.55 -25.05 -18.31
CA ARG A 692 -32.12 -24.40 -19.54
C ARG A 692 -32.73 -23.02 -19.74
N GLU A 693 -33.77 -22.68 -18.99
CA GLU A 693 -34.44 -21.39 -19.10
C GLU A 693 -33.81 -20.33 -18.20
N ASN A 694 -32.54 -20.50 -17.83
CA ASN A 694 -31.85 -19.55 -16.97
C ASN A 694 -31.17 -18.44 -17.75
N ALA A 695 -31.62 -18.16 -18.97
CA ALA A 695 -31.03 -17.07 -19.75
C ALA A 695 -31.22 -15.73 -19.07
N GLU A 696 -32.43 -15.47 -18.56
CA GLU A 696 -32.69 -14.22 -17.85
C GLU A 696 -31.85 -14.13 -16.59
N ARG A 697 -31.70 -15.25 -15.87
CA ARG A 697 -30.88 -15.25 -14.66
C ARG A 697 -29.43 -14.94 -14.98
N GLU A 698 -28.89 -15.54 -16.05
CA GLU A 698 -27.52 -15.27 -16.44
C GLU A 698 -27.34 -13.82 -16.87
N LYS A 699 -28.32 -13.27 -17.61
CA LYS A 699 -28.24 -11.87 -18.00
C LYS A 699 -28.25 -10.96 -16.78
N PHE A 700 -29.10 -11.26 -15.80
CA PHE A 700 -29.13 -10.46 -14.58
C PHE A 700 -27.80 -10.55 -13.83
N LYS A 701 -27.22 -11.75 -13.76
CA LYS A 701 -25.93 -11.91 -13.09
C LYS A 701 -24.86 -11.10 -13.79
N LYS A 702 -24.82 -11.14 -15.12
CA LYS A 702 -23.82 -10.38 -15.86
C LYS A 702 -24.02 -8.88 -15.68
N ILE A 703 -25.26 -8.41 -15.69
CA ILE A 703 -25.52 -6.99 -15.50
C ILE A 703 -25.08 -6.54 -14.12
N ILE A 704 -25.39 -7.34 -13.09
CA ILE A 704 -24.98 -7.00 -11.73
C ILE A 704 -23.46 -6.97 -11.63
N SER A 705 -22.79 -7.96 -12.25
CA SER A 705 -21.34 -7.98 -12.23
C SER A 705 -20.74 -6.76 -12.89
N LEU A 706 -21.29 -6.35 -14.04
CA LEU A 706 -20.79 -5.17 -14.74
C LEU A 706 -20.99 -3.91 -13.90
N TYR A 707 -22.17 -3.77 -13.29
CA TYR A 707 -22.44 -2.61 -12.45
C TYR A 707 -21.47 -2.54 -11.28
N LEU A 708 -21.27 -3.67 -10.59
CA LEU A 708 -20.35 -3.71 -9.46
C LEU A 708 -18.93 -3.42 -9.92
N THR A 709 -18.53 -3.95 -11.07
CA THR A 709 -17.18 -3.70 -11.58
C THR A 709 -16.97 -2.22 -11.86
N VAL A 710 -17.95 -1.56 -12.48
CA VAL A 710 -17.80 -0.14 -12.81
C VAL A 710 -17.68 0.68 -11.53
N ILE A 711 -18.60 0.47 -10.57
CA ILE A 711 -18.56 1.28 -9.36
C ILE A 711 -17.30 0.98 -8.54
N TYR A 712 -16.86 -0.28 -8.54
CA TYR A 712 -15.63 -0.64 -7.84
C TYR A 712 -14.43 0.03 -8.47
N HIS A 713 -14.36 0.10 -9.80
CA HIS A 713 -13.27 0.80 -10.46
C HIS A 713 -13.26 2.27 -10.08
N ILE A 714 -14.43 2.91 -10.08
CA ILE A 714 -14.51 4.32 -9.70
C ILE A 714 -13.98 4.52 -8.28
N LEU A 715 -14.49 3.72 -7.34
CA LEU A 715 -14.10 3.88 -5.95
C LEU A 715 -12.62 3.59 -5.75
N LYS A 716 -12.10 2.56 -6.41
CA LYS A 716 -10.68 2.22 -6.27
C LYS A 716 -9.79 3.33 -6.81
N ASN A 717 -10.13 3.90 -7.95
CA ASN A 717 -9.34 5.01 -8.47
C ASN A 717 -9.38 6.20 -7.51
N ILE A 718 -10.56 6.52 -6.97
CA ILE A 718 -10.67 7.65 -6.06
C ILE A 718 -9.81 7.43 -4.82
N VAL A 719 -9.90 6.23 -4.23
CA VAL A 719 -9.17 5.98 -2.99
C VAL A 719 -7.67 5.92 -3.25
N ASN A 720 -7.25 5.40 -4.40
CA ASN A 720 -5.81 5.40 -4.71
C ASN A 720 -5.28 6.82 -4.87
N ILE A 721 -6.03 7.67 -5.56
CA ILE A 721 -5.60 9.06 -5.72
C ILE A 721 -5.53 9.77 -4.37
N ASN A 722 -6.51 9.50 -3.50
CA ASN A 722 -6.46 10.10 -2.16
C ASN A 722 -5.28 9.56 -1.35
N ALA A 723 -5.00 8.26 -1.48
CA ALA A 723 -3.90 7.67 -0.73
C ALA A 723 -2.55 8.21 -1.17
N ARG A 724 -2.42 8.59 -2.44
CA ARG A 724 -1.18 9.23 -2.88
C ARG A 724 -0.91 10.52 -2.09
N TYR A 725 -1.93 11.35 -1.94
CA TYR A 725 -1.75 12.58 -1.17
C TYR A 725 -1.62 12.30 0.33
N VAL A 726 -2.22 11.21 0.81
CA VAL A 726 -1.98 10.79 2.19
C VAL A 726 -0.50 10.49 2.39
N ILE A 727 0.10 9.74 1.45
CA ILE A 727 1.53 9.45 1.51
C ILE A 727 2.34 10.75 1.44
N GLY A 728 1.92 11.69 0.59
CA GLY A 728 2.62 12.95 0.48
C GLY A 728 2.64 13.71 1.80
N PHE A 729 1.49 13.80 2.46
CA PHE A 729 1.43 14.51 3.73
C PHE A 729 2.19 13.77 4.83
N HIS A 730 2.17 12.43 4.82
CA HIS A 730 2.99 11.68 5.77
C HIS A 730 4.47 11.97 5.56
N CYS A 731 4.91 12.04 4.30
CA CYS A 731 6.28 12.40 4.00
C CYS A 731 6.60 13.81 4.48
N VAL A 732 5.66 14.73 4.30
CA VAL A 732 5.87 16.10 4.77
C VAL A 732 6.08 16.14 6.28
N GLU A 733 5.23 15.42 7.02
CA GLU A 733 5.36 15.38 8.47
C GLU A 733 6.68 14.73 8.89
N ARG A 734 7.06 13.63 8.22
CA ARG A 734 8.31 12.97 8.54
C ARG A 734 9.51 13.87 8.29
N ASP A 735 9.49 14.60 7.17
CA ASP A 735 10.59 15.51 6.87
C ASP A 735 10.61 16.70 7.84
N ALA A 736 9.44 17.15 8.29
CA ALA A 736 9.41 18.18 9.33
C ALA A 736 10.08 17.68 10.60
N GLN A 737 9.77 16.44 11.00
CA GLN A 737 10.41 15.85 12.17
C GLN A 737 11.92 15.74 11.98
N LEU A 738 12.35 15.32 10.79
CA LEU A 738 13.78 15.17 10.52
C LEU A 738 14.49 16.51 10.56
N TYR A 739 13.90 17.55 9.97
CA TYR A 739 14.52 18.87 10.02
C TYR A 739 14.54 19.43 11.43
N LYS A 740 13.50 19.16 12.23
CA LYS A 740 13.54 19.57 13.64
C LYS A 740 14.66 18.88 14.38
N GLU A 741 14.85 17.59 14.14
CA GLU A 741 15.95 16.86 14.78
C GLU A 741 17.32 17.31 14.27
N LYS A 742 17.38 17.84 13.04
CA LYS A 742 18.65 18.30 12.49
C LYS A 742 19.18 19.51 13.26
N GLY A 743 18.30 20.42 13.65
CA GLY A 743 18.72 21.58 14.41
C GLY A 743 18.20 22.90 13.85
N TYR A 744 17.25 22.83 12.93
CA TYR A 744 16.67 24.02 12.32
C TYR A 744 15.47 24.51 13.13
N ASP A 745 15.20 25.81 13.02
CA ASP A 745 14.14 26.45 13.78
C ASP A 745 12.80 26.19 13.09
N ILE A 746 12.17 25.09 13.46
CA ILE A 746 10.84 24.73 12.95
C ILE A 746 10.00 24.25 14.12
N ASN A 747 8.79 24.77 14.23
CA ASN A 747 7.88 24.42 15.32
C ASN A 747 6.95 23.30 14.85
N LEU A 748 7.08 22.13 15.45
CA LEU A 748 6.24 20.99 15.08
C LEU A 748 4.83 21.10 15.62
N LYS A 749 4.66 21.69 16.81
CA LYS A 749 3.33 21.81 17.40
C LYS A 749 2.47 22.77 16.59
N LYS A 750 3.07 23.82 16.04
CA LYS A 750 2.36 24.80 15.23
C LYS A 750 2.32 24.44 13.75
N LEU A 751 2.81 23.25 13.38
CA LEU A 751 2.81 22.85 11.98
C LEU A 751 1.38 22.77 11.43
N GLU A 752 0.46 22.18 12.20
CA GLU A 752 -0.92 22.08 11.73
C GLU A 752 -1.60 23.44 11.70
N GLU A 753 -1.35 24.28 12.71
CA GLU A 753 -1.98 25.60 12.75
C GLU A 753 -1.54 26.47 11.58
N LYS A 754 -0.23 26.46 11.29
CA LYS A 754 0.32 27.29 10.23
C LYS A 754 0.32 26.59 8.87
N GLY A 755 -0.21 25.38 8.79
CA GLY A 755 -0.20 24.62 7.57
C GLY A 755 1.10 23.85 7.37
N PHE A 756 1.02 22.81 6.55
CA PHE A 756 2.17 21.95 6.30
C PHE A 756 3.21 22.59 5.39
N SER A 757 3.11 23.88 5.12
CA SER A 757 4.07 24.60 4.30
C SER A 757 5.24 25.13 5.11
N SER A 758 5.29 24.83 6.42
CA SER A 758 6.42 25.26 7.24
C SER A 758 7.74 24.67 6.76
N VAL A 759 7.71 23.41 6.30
CA VAL A 759 8.92 22.80 5.74
C VAL A 759 9.35 23.56 4.50
N THR A 760 8.40 23.93 3.63
CA THR A 760 8.73 24.69 2.43
C THR A 760 9.31 26.05 2.78
N LYS A 761 8.73 26.72 3.79
CA LYS A 761 9.27 28.02 4.21
C LYS A 761 10.68 27.88 4.77
N LEU A 762 10.91 26.85 5.58
CA LEU A 762 12.23 26.64 6.17
C LEU A 762 13.27 26.35 5.09
N CYS A 763 12.93 25.51 4.12
CA CYS A 763 13.85 25.17 3.04
C CYS A 763 14.00 26.29 2.01
N ALA A 764 13.05 27.23 1.95
CA ALA A 764 13.17 28.33 0.99
C ALA A 764 14.35 29.21 1.32
N GLY A 765 14.59 29.49 2.60
CA GLY A 765 15.69 30.34 3.00
C GLY A 765 15.28 31.44 3.95
N ILE A 766 15.52 32.70 3.54
CA ILE A 766 15.17 33.83 4.38
C ILE A 766 13.66 34.00 4.41
N ASP A 767 13.11 34.17 5.61
CA ASP A 767 11.67 34.35 5.76
C ASP A 767 11.23 35.64 5.10
N GLU A 768 10.10 35.59 4.39
CA GLU A 768 9.60 36.75 3.67
C GLU A 768 8.13 37.00 4.00
N THR A 769 7.42 35.94 4.40
CA THR A 769 5.99 36.03 4.70
C THR A 769 5.80 36.69 6.07
N ALA A 770 6.06 38.01 6.10
CA ALA A 770 5.91 38.81 7.31
C ALA A 770 5.74 40.25 6.89
N PRO A 771 4.88 41.01 7.58
CA PRO A 771 4.72 42.43 7.21
C PRO A 771 6.00 43.23 7.35
N ASP A 772 6.83 42.92 8.34
CA ASP A 772 8.10 43.63 8.55
C ASP A 772 9.24 42.81 7.94
N LYS A 773 9.28 42.82 6.61
CA LYS A 773 10.29 42.06 5.88
C LYS A 773 11.70 42.55 6.19
N ARG A 774 12.01 43.79 5.77
CA ARG A 774 13.33 44.39 5.95
C ARG A 774 14.44 43.49 5.40
N LYS A 775 14.13 42.72 4.35
CA LYS A 775 15.09 41.81 3.74
C LYS A 775 15.60 42.27 2.38
N ASP A 776 14.88 43.16 1.70
CA ASP A 776 15.35 43.68 0.43
C ASP A 776 16.65 44.46 0.60
N VAL A 777 16.74 45.28 1.65
CA VAL A 777 17.98 45.98 1.93
C VAL A 777 19.08 45.01 2.33
N GLU A 778 18.74 43.94 3.05
CA GLU A 778 19.72 42.93 3.41
C GLU A 778 20.15 42.09 2.21
N LYS A 779 19.28 41.96 1.21
CA LYS A 779 19.58 41.20 0.00
C LYS A 779 20.25 42.06 -1.07
N GLU A 780 20.83 43.20 -0.68
CA GLU A 780 21.53 44.07 -1.62
C GLU A 780 22.93 43.58 -1.94
N MET A 781 23.30 42.36 -1.53
CA MET A 781 24.58 41.78 -1.90
C MET A 781 24.61 41.30 -3.34
N ALA A 782 23.48 41.37 -4.05
CA ALA A 782 23.50 41.09 -5.49
C ALA A 782 24.38 42.08 -6.23
N GLU A 783 24.43 43.33 -5.77
CA GLU A 783 25.34 44.31 -6.36
C GLU A 783 26.79 43.90 -6.17
N ARG A 784 27.13 43.41 -4.97
CA ARG A 784 28.50 42.93 -4.73
C ARG A 784 28.80 41.71 -5.59
N ALA A 785 27.82 40.82 -5.75
CA ALA A 785 28.01 39.66 -6.62
C ALA A 785 28.25 40.08 -8.06
N LYS A 786 27.51 41.08 -8.54
CA LYS A 786 27.74 41.61 -9.88
C LYS A 786 29.12 42.22 -10.00
N GLU A 787 29.55 42.96 -8.98
CA GLU A 787 30.89 43.56 -9.00
C GLU A 787 31.98 42.49 -8.99
N SER A 788 31.72 41.34 -8.35
CA SER A 788 32.67 40.25 -8.29
C SER A 788 32.47 39.24 -9.42
N ILE A 789 31.90 39.67 -10.55
CA ILE A 789 31.72 38.79 -11.69
C ILE A 789 33.01 38.48 -12.41
N ASP A 790 34.10 39.17 -12.06
CA ASP A 790 35.40 38.91 -12.69
C ASP A 790 35.90 37.50 -12.41
N SER A 791 35.41 36.85 -11.35
CA SER A 791 35.79 35.47 -11.09
C SER A 791 35.34 34.55 -12.22
N LEU A 792 34.13 34.76 -12.73
CA LEU A 792 33.62 34.01 -13.89
C LEU A 792 34.12 34.72 -15.14
N GLU A 793 35.33 34.36 -15.57
CA GLU A 793 35.96 35.02 -16.71
C GLU A 793 35.29 34.68 -18.04
N SER A 794 34.40 33.68 -18.07
CA SER A 794 33.73 33.31 -19.31
C SER A 794 32.46 34.12 -19.56
N ALA A 795 31.82 34.61 -18.50
CA ALA A 795 30.57 35.36 -18.64
C ALA A 795 30.78 36.88 -18.67
N ASN A 796 31.81 37.38 -18.00
CA ASN A 796 32.03 38.83 -17.96
C ASN A 796 32.17 39.46 -19.34
N PRO A 797 32.92 38.89 -20.30
CA PRO A 797 32.98 39.53 -21.63
C PRO A 797 31.64 39.60 -22.33
N LYS A 798 30.68 38.74 -21.99
CA LYS A 798 29.38 38.75 -22.63
C LYS A 798 28.28 39.36 -21.76
N LEU A 799 28.50 39.49 -20.46
CA LEU A 799 27.47 40.00 -19.57
C LEU A 799 27.41 41.52 -19.58
N TYR A 800 28.51 42.18 -19.16
CA TYR A 800 28.53 43.63 -19.03
C TYR A 800 29.64 44.27 -19.87
N ALA A 801 30.18 43.54 -20.84
CA ALA A 801 31.23 44.05 -21.72
C ALA A 801 30.79 44.22 -23.16
N ASN A 802 30.05 43.24 -23.71
CA ASN A 802 29.57 43.32 -25.08
C ASN A 802 28.05 43.42 -25.14
N TYR A 803 27.33 42.50 -24.53
CA TYR A 803 25.87 42.53 -24.51
C TYR A 803 25.39 43.16 -23.20
N ILE A 804 25.69 44.46 -23.07
CA ILE A 804 25.33 45.18 -21.85
C ILE A 804 23.83 45.40 -21.79
N LYS A 805 23.29 46.14 -22.76
CA LYS A 805 21.87 46.48 -22.82
C LYS A 805 21.40 47.10 -21.51
N TYR A 806 21.99 48.26 -21.20
CA TYR A 806 21.72 48.94 -19.93
C TYR A 806 20.30 49.46 -19.85
N SER A 807 19.59 49.56 -20.98
CA SER A 807 18.25 50.15 -20.98
C SER A 807 17.28 49.30 -20.16
N ASP A 808 17.11 48.04 -20.53
CA ASP A 808 16.14 47.20 -19.84
C ASP A 808 16.72 45.89 -19.36
N GLU A 809 17.63 45.26 -20.13
CA GLU A 809 18.14 43.95 -19.76
C GLU A 809 19.02 44.02 -18.51
N LYS A 810 19.96 44.95 -18.48
CA LYS A 810 20.90 45.02 -17.36
C LYS A 810 20.24 45.54 -16.10
N LYS A 811 19.44 46.60 -16.21
CA LYS A 811 18.89 47.24 -15.03
C LYS A 811 17.64 46.53 -14.52
N ALA A 812 16.60 46.45 -15.36
CA ALA A 812 15.31 45.95 -14.90
C ALA A 812 15.33 44.42 -14.73
N GLU A 813 16.01 43.71 -15.62
CA GLU A 813 15.95 42.25 -15.64
C GLU A 813 17.10 41.59 -14.88
N GLU A 814 18.34 41.98 -15.18
CA GLU A 814 19.49 41.29 -14.58
C GLU A 814 19.57 41.53 -13.08
N PHE A 815 19.26 42.75 -12.62
CA PHE A 815 19.30 43.03 -11.19
C PHE A 815 18.26 42.21 -10.45
N THR A 816 17.04 42.12 -11.00
CA THR A 816 16.00 41.31 -10.37
C THR A 816 16.37 39.83 -10.36
N ARG A 817 16.96 39.35 -11.46
CA ARG A 817 17.38 37.95 -11.50
C ARG A 817 18.49 37.68 -10.50
N GLN A 818 19.43 38.61 -10.34
CA GLN A 818 20.48 38.45 -9.33
C GLN A 818 19.90 38.45 -7.93
N ILE A 819 18.90 39.30 -7.66
CA ILE A 819 18.24 39.29 -6.36
C ILE A 819 17.58 37.94 -6.11
N ASN A 820 16.89 37.42 -7.13
CA ASN A 820 16.22 36.12 -6.99
C ASN A 820 17.24 35.00 -6.74
N ARG A 821 18.36 35.03 -7.47
CA ARG A 821 19.40 34.03 -7.27
C ARG A 821 20.01 34.14 -5.87
N GLU A 822 20.22 35.36 -5.38
CA GLU A 822 20.75 35.55 -4.04
C GLU A 822 19.78 35.01 -2.99
N LYS A 823 18.48 35.22 -3.20
CA LYS A 823 17.49 34.59 -2.32
C LYS A 823 17.52 33.08 -2.44
N ALA A 824 17.85 32.55 -3.62
CA ALA A 824 17.89 31.11 -3.83
C ALA A 824 19.11 30.47 -3.19
N LYS A 825 20.24 31.19 -3.12
CA LYS A 825 21.46 30.63 -2.53
C LYS A 825 21.34 30.44 -1.03
N THR A 826 20.35 31.05 -0.39
CA THR A 826 20.12 30.90 1.04
C THR A 826 19.20 29.72 1.36
N ALA A 827 18.79 28.96 0.36
CA ALA A 827 17.90 27.82 0.58
C ALA A 827 18.60 26.74 1.40
N LEU A 828 17.84 26.10 2.28
CA LEU A 828 18.36 25.04 3.14
C LEU A 828 18.20 23.66 2.54
N ASN A 829 17.67 23.56 1.32
CA ASN A 829 17.48 22.27 0.66
C ASN A 829 18.01 22.36 -0.77
N ALA A 830 18.53 21.23 -1.27
CA ALA A 830 19.11 21.21 -2.60
C ALA A 830 18.05 21.34 -3.69
N TYR A 831 16.82 20.87 -3.42
CA TYR A 831 15.75 21.02 -4.40
C TYR A 831 15.45 22.50 -4.64
N LEU A 832 15.41 23.30 -3.58
CA LEU A 832 15.11 24.73 -3.70
C LEU A 832 16.34 25.57 -3.97
N ARG A 833 17.53 24.97 -4.05
CA ARG A 833 18.71 25.72 -4.44
C ARG A 833 18.64 26.20 -5.89
N ASN A 834 17.87 25.53 -6.74
CA ASN A 834 17.63 26.01 -8.08
C ASN A 834 16.83 27.31 -8.04
N THR A 835 17.25 28.28 -8.84
CA THR A 835 16.61 29.59 -8.79
C THR A 835 15.16 29.53 -9.25
N LYS A 836 14.88 28.77 -10.30
CA LYS A 836 13.52 28.70 -10.84
C LYS A 836 12.55 28.15 -9.80
N TRP A 837 12.88 27.01 -9.19
CA TRP A 837 12.00 26.41 -8.20
C TRP A 837 11.90 27.27 -6.95
N ASN A 838 13.00 27.91 -6.55
CA ASN A 838 12.94 28.81 -5.39
C ASN A 838 12.01 29.98 -5.65
N VAL A 839 12.09 30.58 -6.84
CA VAL A 839 11.20 31.68 -7.19
C VAL A 839 9.76 31.22 -7.22
N ILE A 840 9.50 30.05 -7.81
CA ILE A 840 8.13 29.54 -7.87
C ILE A 840 7.58 29.31 -6.47
N ILE A 841 8.40 28.70 -5.59
CA ILE A 841 7.94 28.43 -4.23
C ILE A 841 7.69 29.73 -3.47
N ARG A 842 8.58 30.72 -3.62
CA ARG A 842 8.38 31.99 -2.93
C ARG A 842 7.14 32.72 -3.44
N GLU A 843 6.88 32.69 -4.75
CA GLU A 843 5.67 33.30 -5.28
C GLU A 843 4.42 32.58 -4.77
N ASP A 844 4.46 31.25 -4.69
CA ASP A 844 3.30 30.49 -4.23
C ASP A 844 3.05 30.69 -2.74
N LEU A 845 4.12 30.89 -1.94
CA LEU A 845 3.95 31.04 -0.50
C LEU A 845 3.21 32.32 -0.13
N LEU A 846 3.17 33.31 -1.01
CA LEU A 846 2.52 34.58 -0.70
C LEU A 846 1.02 34.56 -0.93
N ARG A 847 0.46 33.48 -1.47
CA ARG A 847 -0.96 33.41 -1.75
C ARG A 847 -1.69 32.28 -1.03
N ILE A 848 -0.97 31.38 -0.36
CA ILE A 848 -1.61 30.23 0.27
C ILE A 848 -2.34 30.66 1.53
N ASP A 849 -3.39 29.92 1.87
CA ASP A 849 -4.11 30.09 3.11
C ASP A 849 -3.85 28.87 3.98
N ASN A 850 -3.37 29.10 5.21
CA ASN A 850 -3.02 28.00 6.10
C ASN A 850 -4.25 27.16 6.44
N LYS A 851 -5.39 27.81 6.66
CA LYS A 851 -6.60 27.07 6.99
C LYS A 851 -7.01 26.13 5.87
N THR A 852 -6.94 26.59 4.62
CA THR A 852 -7.32 25.75 3.49
C THR A 852 -6.40 24.55 3.36
N CYS A 853 -5.08 24.76 3.50
CA CYS A 853 -4.15 23.65 3.41
C CYS A 853 -4.35 22.66 4.56
N THR A 854 -4.59 23.15 5.77
CA THR A 854 -4.83 22.27 6.90
C THR A 854 -6.11 21.45 6.69
N LEU A 855 -7.17 22.10 6.20
CA LEU A 855 -8.41 21.37 5.93
C LEU A 855 -8.22 20.33 4.84
N PHE A 856 -7.48 20.67 3.78
CA PHE A 856 -7.22 19.72 2.72
C PHE A 856 -6.44 18.52 3.24
N ALA A 857 -5.42 18.75 4.07
CA ALA A 857 -4.67 17.65 4.65
C ALA A 857 -5.54 16.78 5.54
N ASN A 858 -6.37 17.40 6.39
CA ASN A 858 -7.22 16.64 7.30
C ASN A 858 -8.22 15.79 6.52
N LYS A 859 -8.82 16.35 5.48
CA LYS A 859 -9.79 15.59 4.69
C LYS A 859 -9.14 14.55 3.79
N ALA A 860 -7.88 14.76 3.38
CA ALA A 860 -7.17 13.72 2.66
C ALA A 860 -6.86 12.54 3.58
N VAL A 861 -6.42 12.83 4.82
CA VAL A 861 -6.15 11.76 5.77
C VAL A 861 -7.44 11.02 6.13
N ALA A 862 -8.53 11.76 6.31
CA ALA A 862 -9.82 11.17 6.68
C ALA A 862 -10.55 10.54 5.49
N LEU A 863 -10.02 10.68 4.27
CA LEU A 863 -10.65 10.16 3.06
C LEU A 863 -12.07 10.70 2.91
N GLU A 864 -12.22 12.00 3.11
CA GLU A 864 -13.54 12.64 3.04
C GLU A 864 -14.09 12.68 1.62
N VAL A 865 -13.22 12.53 0.61
CA VAL A 865 -13.68 12.57 -0.77
C VAL A 865 -14.58 11.38 -1.09
N ALA A 866 -14.24 10.21 -0.55
CA ALA A 866 -15.04 9.01 -0.79
C ALA A 866 -16.42 9.08 -0.18
N ARG A 867 -16.68 10.04 0.71
CA ARG A 867 -18.00 10.19 1.33
C ARG A 867 -18.89 11.14 0.53
N TYR A 868 -18.34 12.22 0.00
CA TYR A 868 -19.11 13.21 -0.75
C TYR A 868 -18.92 13.09 -2.26
N VAL A 869 -18.29 12.00 -2.71
CA VAL A 869 -18.10 11.79 -4.15
C VAL A 869 -19.45 11.71 -4.85
N HIS A 870 -20.41 11.00 -4.25
CA HIS A 870 -21.75 10.92 -4.85
C HIS A 870 -22.43 12.27 -4.91
N ALA A 871 -22.24 13.10 -3.88
CA ALA A 871 -22.91 14.39 -3.82
C ALA A 871 -22.30 15.41 -4.79
N TYR A 872 -20.99 15.35 -5.01
CA TYR A 872 -20.29 16.34 -5.83
C TYR A 872 -19.82 15.75 -7.16
N ILE A 873 -20.65 14.92 -7.79
CA ILE A 873 -20.32 14.35 -9.09
C ILE A 873 -21.32 14.73 -10.17
N ASN A 874 -22.53 15.16 -9.83
CA ASN A 874 -23.52 15.52 -10.84
C ASN A 874 -23.33 16.93 -11.39
N ASP A 875 -22.41 17.71 -10.82
CA ASP A 875 -22.17 19.08 -11.25
C ASP A 875 -20.85 19.22 -12.01
N ILE A 876 -20.53 18.20 -12.83
CA ILE A 876 -19.30 18.19 -13.61
C ILE A 876 -19.66 18.12 -15.08
N ALA A 877 -19.12 19.06 -15.87
CA ALA A 877 -19.43 19.08 -17.29
C ALA A 877 -18.80 17.90 -18.02
N GLU A 878 -17.51 17.65 -17.78
CA GLU A 878 -16.80 16.57 -18.46
C GLU A 878 -15.85 15.89 -17.47
N VAL A 879 -15.77 14.57 -17.58
CA VAL A 879 -14.86 13.79 -16.74
C VAL A 879 -13.73 13.26 -17.61
N ASN A 880 -12.62 14.00 -17.67
CA ASN A 880 -11.49 13.59 -18.50
C ASN A 880 -10.70 12.46 -17.84
N SER A 881 -10.54 12.51 -16.53
CA SER A 881 -9.79 11.49 -15.81
C SER A 881 -10.20 11.51 -14.35
N TYR A 882 -9.82 10.46 -13.62
CA TYR A 882 -10.12 10.40 -12.19
C TYR A 882 -9.37 11.46 -11.40
N PHE A 883 -8.23 11.95 -11.91
CA PHE A 883 -7.52 13.03 -11.25
C PHE A 883 -8.38 14.28 -11.17
N GLN A 884 -8.94 14.70 -12.31
CA GLN A 884 -9.80 15.88 -12.34
C GLN A 884 -11.04 15.68 -11.48
N LEU A 885 -11.64 14.49 -11.54
CA LEU A 885 -12.83 14.20 -10.73
C LEU A 885 -12.52 14.33 -9.25
N TYR A 886 -11.45 13.68 -8.80
CA TYR A 886 -11.07 13.72 -7.39
C TYR A 886 -10.78 15.15 -6.93
N HIS A 887 -10.03 15.91 -7.74
CA HIS A 887 -9.67 17.25 -7.31
C HIS A 887 -10.85 18.21 -7.36
N TYR A 888 -11.77 18.03 -8.32
CA TYR A 888 -12.98 18.83 -8.33
C TYR A 888 -13.82 18.55 -7.10
N ILE A 889 -13.95 17.27 -6.72
CA ILE A 889 -14.72 16.93 -5.52
C ILE A 889 -14.06 17.52 -4.28
N MET A 890 -12.73 17.42 -4.19
CA MET A 890 -12.02 17.96 -3.04
C MET A 890 -12.20 19.47 -2.94
N GLN A 891 -12.09 20.17 -4.08
CA GLN A 891 -12.27 21.62 -4.08
C GLN A 891 -13.70 22.00 -3.74
N ARG A 892 -14.68 21.22 -4.20
CA ARG A 892 -16.06 21.49 -3.84
C ARG A 892 -16.29 21.32 -2.35
N ILE A 893 -15.69 20.29 -1.74
CA ILE A 893 -15.81 20.11 -0.30
C ILE A 893 -15.15 21.26 0.44
N ILE A 894 -13.97 21.69 0.00
CA ILE A 894 -13.28 22.80 0.64
C ILE A 894 -14.12 24.07 0.54
N MET A 895 -14.74 24.31 -0.62
CA MET A 895 -15.62 25.46 -0.77
C MET A 895 -16.82 25.37 0.16
N ASN A 896 -17.49 24.20 0.18
CA ASN A 896 -18.65 24.03 1.06
C ASN A 896 -18.28 24.23 2.51
N GLU A 897 -17.02 23.98 2.87
CA GLU A 897 -16.60 24.20 4.26
C GLU A 897 -16.30 25.66 4.53
N ARG A 898 -15.46 26.28 3.69
CA ARG A 898 -14.92 27.62 3.98
C ARG A 898 -15.01 28.53 2.76
N TYR A 899 -16.17 28.60 2.12
CA TYR A 899 -16.34 29.54 1.01
C TYR A 899 -16.32 30.98 1.49
N GLU A 900 -17.09 31.28 2.54
CA GLU A 900 -17.20 32.65 3.04
C GLU A 900 -16.05 33.04 3.96
N LYS A 901 -15.20 32.10 4.36
CA LYS A 901 -14.07 32.37 5.25
C LYS A 901 -12.75 32.48 4.50
N SER A 902 -12.80 32.85 3.21
CA SER A 902 -11.61 32.99 2.40
C SER A 902 -11.64 34.33 1.67
N SER A 903 -10.45 34.89 1.46
CA SER A 903 -10.31 36.16 0.76
C SER A 903 -9.01 36.16 -0.02
N GLY A 904 -8.98 36.97 -1.08
CA GLY A 904 -7.81 37.05 -1.92
C GLY A 904 -7.93 36.23 -3.18
N LYS A 905 -6.82 35.66 -3.65
CA LYS A 905 -6.84 34.84 -4.85
C LYS A 905 -7.48 33.48 -4.64
N VAL A 906 -7.52 32.99 -3.41
CA VAL A 906 -8.19 31.73 -3.14
C VAL A 906 -9.69 31.88 -3.37
N SER A 907 -10.26 33.03 -3.01
CA SER A 907 -11.67 33.29 -3.29
C SER A 907 -11.91 33.34 -4.80
N GLU A 908 -10.99 33.94 -5.55
CA GLU A 908 -11.13 33.98 -7.00
C GLU A 908 -11.08 32.57 -7.59
N TYR A 909 -10.18 31.72 -7.09
CA TYR A 909 -10.11 30.35 -7.55
C TYR A 909 -11.38 29.58 -7.21
N PHE A 910 -11.93 29.80 -6.00
CA PHE A 910 -13.19 29.16 -5.64
C PHE A 910 -14.31 29.61 -6.56
N ASP A 911 -14.37 30.90 -6.88
CA ASP A 911 -15.39 31.40 -7.79
C ASP A 911 -15.22 30.81 -9.18
N ALA A 912 -13.98 30.66 -9.64
CA ALA A 912 -13.72 30.05 -10.94
C ALA A 912 -14.17 28.59 -10.96
N VAL A 913 -13.91 27.86 -9.87
CA VAL A 913 -14.36 26.47 -9.79
C VAL A 913 -15.88 26.39 -9.78
N ASN A 914 -16.53 27.30 -9.04
CA ASN A 914 -17.99 27.30 -8.99
C ASN A 914 -18.59 27.61 -10.36
N ASP A 915 -18.02 28.59 -11.08
CA ASP A 915 -18.54 28.96 -12.39
C ASP A 915 -18.11 27.93 -13.44
N GLU A 916 -16.81 27.77 -13.63
CA GLU A 916 -16.28 26.77 -14.55
C GLU A 916 -16.18 25.44 -13.80
N LYS A 917 -17.07 24.50 -14.12
CA LYS A 917 -17.16 23.26 -13.37
C LYS A 917 -15.99 22.34 -13.70
N LYS A 918 -14.80 22.70 -13.21
CA LYS A 918 -13.59 21.93 -13.44
C LYS A 918 -12.59 22.29 -12.36
N TYR A 919 -11.64 21.38 -12.13
CA TYR A 919 -10.61 21.62 -11.13
C TYR A 919 -9.72 22.78 -11.53
N ASN A 920 -9.21 23.50 -10.54
CA ASN A 920 -8.35 24.66 -10.78
C ASN A 920 -6.90 24.27 -10.56
N ASP A 921 -6.07 24.51 -11.57
CA ASP A 921 -4.65 24.14 -11.48
C ASP A 921 -3.91 25.05 -10.50
N ARG A 922 -4.22 26.35 -10.49
CA ARG A 922 -3.57 27.26 -9.57
C ARG A 922 -3.93 26.94 -8.13
N LEU A 923 -5.19 26.64 -7.86
CA LEU A 923 -5.60 26.22 -6.52
C LEU A 923 -4.92 24.92 -6.13
N LEU A 924 -4.76 24.01 -7.10
CA LEU A 924 -4.05 22.76 -6.83
C LEU A 924 -2.59 23.03 -6.45
N LYS A 925 -1.94 23.96 -7.14
CA LYS A 925 -0.57 24.32 -6.79
C LYS A 925 -0.50 24.94 -5.40
N LEU A 926 -1.47 25.80 -5.08
CA LEU A 926 -1.50 26.41 -3.75
C LEU A 926 -1.68 25.34 -2.66
N LEU A 927 -2.53 24.34 -2.93
CA LEU A 927 -2.72 23.27 -1.95
C LEU A 927 -1.53 22.33 -1.86
N CYS A 928 -0.78 22.17 -2.95
CA CYS A 928 0.41 21.32 -2.96
C CYS A 928 1.68 22.05 -2.57
N VAL A 929 1.59 23.35 -2.29
CA VAL A 929 2.72 24.13 -1.78
C VAL A 929 3.42 23.43 -0.61
N PRO A 930 2.69 22.84 0.36
CA PRO A 930 3.39 22.07 1.40
C PRO A 930 4.30 20.98 0.85
N PHE A 931 4.02 20.46 -0.34
CA PHE A 931 4.91 19.51 -1.00
C PHE A 931 6.04 20.19 -1.76
N GLY A 932 6.11 21.52 -1.72
CA GLY A 932 7.03 22.27 -2.55
C GLY A 932 8.49 22.06 -2.22
N TYR A 933 8.81 21.66 -0.98
CA TYR A 933 10.21 21.43 -0.63
C TYR A 933 10.81 20.28 -1.42
N CYS A 934 9.98 19.33 -1.86
CA CYS A 934 10.40 18.24 -2.73
C CYS A 934 9.84 18.52 -4.12
N ILE A 935 10.72 18.91 -5.05
CA ILE A 935 10.28 19.32 -6.37
C ILE A 935 9.58 18.20 -7.13
N PRO A 936 10.12 16.97 -7.22
CA PRO A 936 9.37 15.92 -7.92
C PRO A 936 8.01 15.63 -7.31
N ARG A 937 7.92 15.62 -5.97
CA ARG A 937 6.63 15.42 -5.33
C ARG A 937 5.67 16.58 -5.60
N PHE A 938 6.19 17.80 -5.59
CA PHE A 938 5.36 18.96 -5.90
C PHE A 938 4.82 18.91 -7.32
N LYS A 939 5.66 18.51 -8.29
CA LYS A 939 5.22 18.47 -9.68
C LYS A 939 4.28 17.31 -9.95
N ASN A 940 4.57 16.13 -9.40
CA ASN A 940 3.74 14.97 -9.66
C ASN A 940 2.33 15.13 -9.10
N LEU A 941 2.22 15.69 -7.90
CA LEU A 941 0.94 15.80 -7.21
C LEU A 941 0.15 17.05 -7.60
N SER A 942 0.69 17.91 -8.47
CA SER A 942 0.01 19.13 -8.83
C SER A 942 -0.16 19.33 -10.34
N ILE A 943 0.36 18.43 -11.16
CA ILE A 943 0.26 18.55 -12.61
C ILE A 943 -0.35 17.26 -13.15
N GLU A 944 -1.35 17.40 -14.01
CA GLU A 944 -2.02 16.23 -14.60
C GLU A 944 -1.27 15.73 -15.82
N ALA A 945 0.05 15.64 -15.71
CA ALA A 945 0.89 15.05 -16.74
C ALA A 945 1.91 14.07 -16.19
N LEU A 946 2.25 14.14 -14.90
CA LEU A 946 3.20 13.24 -14.28
C LEU A 946 2.61 12.51 -13.08
N PHE A 947 1.35 12.74 -12.75
CA PHE A 947 0.75 12.13 -11.57
C PHE A 947 0.71 10.62 -11.70
N ASP A 948 -0.03 10.11 -12.67
CA ASP A 948 -0.20 8.67 -12.85
C ASP A 948 0.95 8.12 -13.69
N ARG A 949 1.57 7.05 -13.20
CA ARG A 949 2.65 6.40 -13.93
C ARG A 949 2.15 5.84 -15.26
N ASN A 950 0.97 5.22 -15.26
CA ASN A 950 0.47 4.58 -16.47
C ASN A 950 -0.03 5.57 -17.50
N GLU A 951 -0.52 6.74 -17.06
CA GLU A 951 -1.04 7.75 -17.97
C GLU A 951 0.07 8.58 -18.62
N ALA A 952 1.33 8.17 -18.49
CA ALA A 952 2.43 8.90 -19.10
C ALA A 952 2.47 8.72 -20.62
N ALA A 953 1.73 7.77 -21.17
CA ALA A 953 1.73 7.56 -22.62
C ALA A 953 1.02 8.68 -23.36
N LYS A 954 0.19 9.46 -22.68
CA LYS A 954 -0.53 10.56 -23.32
C LYS A 954 0.30 11.84 -23.28
MG MG D . 13.60 5.84 -3.23
#